data_6AUD
#
_entry.id   6AUD
#
_cell.length_a   139.051
_cell.length_b   66.065
_cell.length_c   102.492
_cell.angle_alpha   90.00
_cell.angle_beta   98.06
_cell.angle_gamma   90.00
#
_symmetry.space_group_name_H-M   'C 1 2 1'
#
loop_
_entity.id
_entity.type
_entity.pdbx_description
1 polymer 'Phosphatidylinositol 4,5-bisphosphate 3-kinase catalytic subunit gamma isoform'
2 non-polymer 10-[(S)-(1-tert-butylpiperidin-4-yl)sulfinyl]-2-[1-(propan-2-yl)-1H-1,2,4-triazol-5-yl]-5,6-dihydroimidazo[1,2-d][1,4]benzoxazepine
3 water water
#
_entity_poly.entity_id   1
_entity_poly.type   'polypeptide(L)'
_entity_poly.pdbx_seq_one_letter_code
;MSEESQAFQRQLTALIGYDVTDVSNVHDDELEFTRRGLVTPRMAEVASRDPKLYAMHPWVTSKPLPEYLWKKIANNCIFI
VIHRSTTSQTIKVSPDDTPGAILQSFFTKMAKKKSLMDIPESQSEQDFVLRVCGRDEYLVGETPIKNFQWVRHCLKNGEE
IHVVLDTPPDPALDEVRKEEWPLVDDCTGVTGYHEQLTIHGKDHESVFTVSLWDCDRKFRVKIRGIDIPVLPRNTDLTVF
VEANIQHGQQVLCQRRTSPKPFTEEVLWNVWLEFSIKIKDLPKGALLNLQIYCGKAPALSSKASAESPSSESKGKVQLLY
YVNLLLIDHRFLLRRGEYVLHMWQISGKGEDQGSFNADKLTSATNPDKENSMSISILLDNYCHPIALPKHQPTPDPEGDR
VRAEMPNQLRKQLEAIIATDPLNPLTAEDKELLWHFRYESLKHPKAYPKLFSSVKWGQQEIVAKTYQLLARREVWDQSAL
DVGLTMQLLDCNFSDENVRAIAVQKLESLEDDDVLHYLLQLVQAVKFEPYHDSALARFLLKRGLRNKRIGHFLFWFLRSE
IAQSRHYQQRFAVILEAYLRGCGTAMLHDFTQQVQVIEMLQKVTLDIKSLSAEKYDVSSQVISQLKQKLENLQNSQLPES
FRVPYDPGLKAGALAIEKCTVMASKKKPLWLEFKCADPTALSNETIGIIFKHGDDLRQDMLILQILRIMESIWETESLDL
CLLPYGCISTGDKIGMIEIVKDATTIAKIQQSTVGNTGAFKDEVLNHWLKEKSPTEEKFQAAVERFVYSCAGYCVATFVL
GIGDRHNDNIMITETGNLFHIDFGHILGNYKSFLGINKERVPFVLTPDFLFVMGTSGKKTSPHFQKFQDICVKAYLALRH
HTNLLIILFSMMLMTGMPQLTSKEDIEYIRDALTVGKNEEDAKKYFLDQIEVCRDKGWTVQFNWFLHLVLGIKQGEKHSA
HHHHHH
;
_entity_poly.pdbx_strand_id   A
#
loop_
_chem_comp.id
_chem_comp.type
_chem_comp.name
_chem_comp.formula
BWY non-polymer 10-[(S)-(1-tert-butylpiperidin-4-yl)sulfinyl]-2-[1-(propan-2-yl)-1H-1,2,4-triazol-5-yl]-5,6-dihydroimidazo[1,2-d][1,4]benzoxazepine 'C25 H34 N6 O2 S'
#
# COMPACT_ATOMS: atom_id res chain seq x y z
N MET A 1 -29.76 -24.06 0.97
CA MET A 1 -28.92 -24.09 -0.21
C MET A 1 -28.57 -25.53 -0.60
N SER A 2 -28.03 -25.69 -1.81
CA SER A 2 -27.64 -27.02 -2.27
C SER A 2 -26.39 -27.49 -1.54
N GLU A 3 -26.05 -28.77 -1.74
CA GLU A 3 -24.87 -29.33 -1.10
C GLU A 3 -23.59 -28.71 -1.67
N GLU A 4 -23.54 -28.54 -3.00
CA GLU A 4 -22.38 -27.89 -3.60
C GLU A 4 -22.33 -26.40 -3.26
N SER A 5 -23.49 -25.79 -3.01
CA SER A 5 -23.51 -24.40 -2.59
C SER A 5 -22.80 -24.21 -1.25
N GLN A 6 -22.99 -25.16 -0.33
CA GLN A 6 -22.31 -25.08 0.96
C GLN A 6 -20.82 -25.39 0.81
N ALA A 7 -20.48 -26.35 -0.04
CA ALA A 7 -19.07 -26.65 -0.28
C ALA A 7 -18.36 -25.49 -0.95
N PHE A 8 -19.07 -24.72 -1.78
CA PHE A 8 -18.46 -23.56 -2.42
C PHE A 8 -18.21 -22.45 -1.41
N GLN A 9 -19.13 -22.28 -0.44
CA GLN A 9 -18.92 -21.27 0.59
C GLN A 9 -17.74 -21.62 1.48
N ARG A 10 -17.57 -22.90 1.81
CA ARG A 10 -16.37 -23.33 2.53
C ARG A 10 -15.12 -23.07 1.71
N GLN A 11 -15.21 -23.24 0.39
CA GLN A 11 -14.08 -22.91 -0.48
C GLN A 11 -13.74 -21.42 -0.40
N LEU A 12 -14.75 -20.57 -0.35
CA LEU A 12 -14.51 -19.13 -0.22
C LEU A 12 -13.90 -18.80 1.14
N THR A 13 -14.39 -19.45 2.21
CA THR A 13 -13.88 -19.18 3.56
C THR A 13 -12.39 -19.47 3.64
N ALA A 14 -11.93 -20.56 3.02
CA ALA A 14 -10.52 -20.89 3.05
C ALA A 14 -9.69 -19.84 2.31
N LEU A 15 -10.21 -19.34 1.18
CA LEU A 15 -9.48 -18.32 0.42
C LEU A 15 -9.44 -17.00 1.17
N ILE A 16 -10.54 -16.63 1.83
CA ILE A 16 -10.62 -15.34 2.50
C ILE A 16 -9.82 -15.35 3.80
N GLY A 17 -9.79 -16.47 4.51
CA GLY A 17 -9.25 -16.51 5.85
C GLY A 17 -10.22 -16.06 6.91
N TYR A 18 -11.49 -15.90 6.56
CA TYR A 18 -12.53 -15.45 7.49
C TYR A 18 -13.87 -15.91 6.96
N ASP A 19 -14.77 -16.27 7.86
CA ASP A 19 -16.10 -16.74 7.49
C ASP A 19 -17.06 -15.57 7.50
N VAL A 20 -17.48 -15.13 6.30
CA VAL A 20 -18.40 -14.02 6.19
C VAL A 20 -19.81 -14.43 6.63
N THR A 21 -20.13 -15.71 6.61
CA THR A 21 -21.40 -16.19 7.12
C THR A 21 -21.41 -16.34 8.63
N ASP A 22 -20.29 -16.09 9.29
CA ASP A 22 -20.24 -16.12 10.75
C ASP A 22 -20.70 -14.76 11.30
N VAL A 23 -21.55 -14.80 12.32
CA VAL A 23 -22.20 -13.60 12.83
C VAL A 23 -21.99 -13.48 14.33
N SER A 24 -20.77 -13.74 14.79
CA SER A 24 -20.47 -13.72 16.21
C SER A 24 -20.12 -12.33 16.73
N ASN A 25 -20.04 -11.33 15.86
CA ASN A 25 -19.54 -10.01 16.27
C ASN A 25 -20.25 -8.91 15.47
N VAL A 26 -21.58 -8.93 15.47
CA VAL A 26 -22.37 -7.91 14.80
C VAL A 26 -23.55 -7.53 15.68
N HIS A 27 -23.96 -6.26 15.58
CA HIS A 27 -25.17 -5.80 16.24
C HIS A 27 -26.23 -5.31 15.25
N ASP A 28 -25.99 -5.43 13.95
CA ASP A 28 -27.00 -5.18 12.93
C ASP A 28 -26.70 -6.09 11.75
N ASP A 29 -27.42 -5.90 10.64
CA ASP A 29 -27.28 -6.72 9.46
C ASP A 29 -26.59 -5.99 8.31
N GLU A 30 -25.70 -5.05 8.63
CA GLU A 30 -25.05 -4.27 7.58
C GLU A 30 -24.15 -5.15 6.72
N LEU A 31 -23.45 -6.10 7.33
CA LEU A 31 -22.55 -6.97 6.57
C LEU A 31 -23.32 -7.83 5.58
N GLU A 32 -24.38 -8.51 6.05
CA GLU A 32 -25.21 -9.27 5.13
C GLU A 32 -25.86 -8.36 4.10
N PHE A 33 -26.29 -7.16 4.52
CA PHE A 33 -26.82 -6.18 3.59
C PHE A 33 -25.80 -5.82 2.52
N THR A 34 -24.53 -5.75 2.89
CA THR A 34 -23.49 -5.41 1.93
C THR A 34 -23.23 -6.55 0.96
N ARG A 35 -23.27 -7.79 1.46
CA ARG A 35 -23.09 -8.95 0.58
C ARG A 35 -24.13 -8.95 -0.54
N ARG A 36 -25.40 -8.67 -0.20
CA ARG A 36 -26.43 -8.57 -1.22
C ARG A 36 -26.19 -7.37 -2.14
N GLY A 37 -25.79 -6.24 -1.56
CA GLY A 37 -25.63 -5.03 -2.35
C GLY A 37 -24.53 -5.11 -3.38
N LEU A 38 -23.47 -5.88 -3.11
CA LEU A 38 -22.35 -6.00 -4.03
C LEU A 38 -22.61 -7.01 -5.14
N VAL A 39 -23.76 -7.67 -5.16
CA VAL A 39 -24.08 -8.62 -6.22
C VAL A 39 -24.19 -7.90 -7.56
N THR A 40 -24.98 -6.83 -7.61
CA THR A 40 -25.18 -6.10 -8.85
C THR A 40 -23.90 -5.48 -9.39
N PRO A 41 -23.07 -4.79 -8.60
CA PRO A 41 -21.79 -4.28 -9.16
C PRO A 41 -20.90 -5.39 -9.69
N ARG A 42 -20.88 -6.54 -9.03
CA ARG A 42 -20.05 -7.65 -9.51
C ARG A 42 -20.55 -8.17 -10.86
N MET A 43 -21.83 -8.51 -10.94
CA MET A 43 -22.37 -9.06 -12.17
C MET A 43 -22.31 -8.08 -13.32
N ALA A 44 -22.50 -6.79 -13.04
CA ALA A 44 -22.41 -5.78 -14.08
C ALA A 44 -21.01 -5.73 -14.68
N GLU A 45 -19.98 -5.91 -13.85
CA GLU A 45 -18.61 -5.89 -14.37
C GLU A 45 -18.27 -7.20 -15.07
N VAL A 46 -18.75 -8.33 -14.54
CA VAL A 46 -18.53 -9.61 -15.19
C VAL A 46 -19.17 -9.61 -16.58
N ALA A 47 -20.32 -8.95 -16.71
CA ALA A 47 -21.00 -8.90 -18.00
C ALA A 47 -20.31 -7.99 -19.00
N SER A 48 -19.45 -7.08 -18.54
CA SER A 48 -18.88 -6.06 -19.41
C SER A 48 -17.48 -6.38 -19.92
N ARG A 49 -16.80 -7.37 -19.35
CA ARG A 49 -15.40 -7.60 -19.69
C ARG A 49 -15.28 -8.50 -20.91
N ASP A 50 -14.31 -8.19 -21.75
CA ASP A 50 -14.06 -8.97 -22.95
C ASP A 50 -13.40 -10.30 -22.57
N PRO A 51 -13.94 -11.44 -23.01
CA PRO A 51 -13.40 -12.73 -22.56
C PRO A 51 -11.96 -12.97 -22.98
N LYS A 52 -11.57 -12.54 -24.19
CA LYS A 52 -10.21 -12.77 -24.65
C LYS A 52 -9.22 -11.87 -23.93
N LEU A 53 -9.54 -10.58 -23.82
CA LEU A 53 -8.62 -9.64 -23.18
C LEU A 53 -8.53 -9.88 -21.67
N TYR A 54 -9.62 -10.30 -21.03
CA TYR A 54 -9.55 -10.64 -19.62
C TYR A 54 -8.68 -11.85 -19.38
N ALA A 55 -8.68 -12.80 -20.31
CA ALA A 55 -7.87 -14.01 -20.15
C ALA A 55 -6.39 -13.74 -20.33
N MET A 56 -6.03 -12.78 -21.19
CA MET A 56 -4.63 -12.51 -21.51
C MET A 56 -4.06 -11.31 -20.76
N HIS A 57 -4.91 -10.48 -20.15
CA HIS A 57 -4.53 -9.38 -19.26
C HIS A 57 -3.28 -8.62 -19.71
N PRO A 58 -3.30 -8.00 -20.89
CA PRO A 58 -2.11 -7.27 -21.35
C PRO A 58 -1.79 -6.11 -20.42
N TRP A 59 -0.51 -6.01 -20.04
CA TRP A 59 -0.04 -4.96 -19.15
C TRP A 59 0.46 -3.80 -20.02
N VAL A 60 -0.27 -2.69 -20.01
CA VAL A 60 -0.12 -1.64 -20.99
C VAL A 60 -0.28 -0.27 -20.32
N THR A 61 0.42 0.72 -20.85
CA THR A 61 0.26 2.11 -20.42
C THR A 61 -0.05 2.99 -21.64
N SER A 62 -0.61 4.16 -21.37
CA SER A 62 -0.83 5.18 -22.38
C SER A 62 0.16 6.33 -22.27
N LYS A 63 1.03 6.31 -21.25
CA LYS A 63 2.00 7.37 -21.07
C LYS A 63 3.06 7.32 -22.18
N PRO A 64 3.68 8.45 -22.50
CA PRO A 64 4.70 8.46 -23.54
C PRO A 64 5.95 7.70 -23.10
N LEU A 65 6.71 7.26 -24.09
CA LEU A 65 8.00 6.64 -23.82
C LEU A 65 8.95 7.68 -23.22
N PRO A 66 9.48 7.46 -22.02
CA PRO A 66 10.41 8.44 -21.44
C PRO A 66 11.63 8.66 -22.31
N GLU A 67 12.26 9.82 -22.12
CA GLU A 67 13.43 10.17 -22.92
C GLU A 67 14.56 9.18 -22.72
N TYR A 68 14.82 8.78 -21.47
CA TYR A 68 15.89 7.83 -21.20
C TYR A 68 15.63 6.45 -21.78
N LEU A 69 14.42 6.19 -22.27
CA LEU A 69 14.14 4.97 -23.02
C LEU A 69 14.14 5.19 -24.53
N TRP A 70 13.86 6.42 -24.97
CA TRP A 70 13.93 6.71 -26.40
C TRP A 70 15.37 6.65 -26.90
N LYS A 71 16.31 7.24 -26.16
CA LYS A 71 17.71 7.19 -26.56
C LYS A 71 18.25 5.77 -26.55
N LYS A 72 17.58 4.85 -25.84
CA LYS A 72 17.95 3.44 -25.84
C LYS A 72 17.50 2.73 -27.12
N ILE A 73 16.73 3.39 -27.96
CA ILE A 73 16.33 2.86 -29.27
C ILE A 73 17.21 3.52 -30.32
N ALA A 74 18.00 2.71 -31.03
CA ALA A 74 19.06 3.25 -31.88
C ALA A 74 18.51 3.87 -33.15
N ASN A 75 17.77 3.08 -33.95
CA ASN A 75 17.38 3.47 -35.29
C ASN A 75 15.88 3.36 -35.49
N ASN A 76 15.10 3.80 -34.52
CA ASN A 76 13.64 3.60 -34.55
C ASN A 76 13.30 2.13 -34.74
N CYS A 77 14.13 1.26 -34.16
CA CYS A 77 14.04 -0.17 -34.39
C CYS A 77 14.19 -0.91 -33.07
N ILE A 78 13.25 -1.81 -32.79
CA ILE A 78 13.27 -2.65 -31.60
C ILE A 78 13.37 -4.09 -32.06
N PHE A 79 14.22 -4.87 -31.38
CA PHE A 79 14.49 -6.25 -31.74
C PHE A 79 13.69 -7.19 -30.85
N ILE A 80 12.96 -8.11 -31.48
CA ILE A 80 12.15 -9.11 -30.79
C ILE A 80 12.65 -10.49 -31.20
N VAL A 81 13.06 -11.29 -30.22
CA VAL A 81 13.50 -12.65 -30.48
C VAL A 81 12.30 -13.56 -30.27
N ILE A 82 11.72 -14.04 -31.36
CA ILE A 82 10.54 -14.89 -31.32
C ILE A 82 10.99 -16.35 -31.31
N HIS A 83 10.50 -17.10 -30.33
CA HIS A 83 10.83 -18.52 -30.17
C HIS A 83 9.66 -19.39 -30.61
N ARG A 84 9.99 -20.50 -31.27
CA ARG A 84 9.03 -21.55 -31.60
C ARG A 84 9.71 -22.88 -31.31
N SER A 85 9.42 -23.43 -30.13
CA SER A 85 10.02 -24.67 -29.63
C SER A 85 11.54 -24.45 -29.56
N THR A 86 12.35 -25.27 -30.23
CA THR A 86 13.80 -25.17 -30.05
C THR A 86 14.42 -24.07 -30.92
N THR A 87 13.68 -23.54 -31.89
CA THR A 87 14.21 -22.56 -32.82
C THR A 87 13.98 -21.15 -32.27
N SER A 88 14.52 -20.16 -32.97
CA SER A 88 14.36 -18.76 -32.60
C SER A 88 14.83 -17.88 -33.74
N GLN A 89 14.12 -16.78 -33.98
CA GLN A 89 14.45 -15.84 -35.02
C GLN A 89 14.26 -14.42 -34.50
N THR A 90 15.20 -13.53 -34.87
CA THR A 90 15.13 -12.13 -34.47
C THR A 90 14.43 -11.31 -35.55
N ILE A 91 13.56 -10.39 -35.10
CA ILE A 91 12.75 -9.59 -36.00
C ILE A 91 12.92 -8.12 -35.63
N LYS A 92 13.09 -7.27 -36.65
CA LYS A 92 13.13 -5.83 -36.48
C LYS A 92 11.71 -5.27 -36.50
N VAL A 93 11.41 -4.37 -35.58
CA VAL A 93 10.05 -3.88 -35.37
C VAL A 93 10.08 -2.40 -35.10
N SER A 94 9.08 -1.67 -35.62
CA SER A 94 8.92 -0.25 -35.33
C SER A 94 8.26 -0.07 -33.97
N PRO A 95 8.64 0.97 -33.21
CA PRO A 95 8.04 1.17 -31.88
C PRO A 95 6.53 1.39 -31.90
N ASP A 96 5.95 1.71 -33.06
CA ASP A 96 4.51 1.93 -33.16
C ASP A 96 3.76 0.71 -33.66
N ASP A 97 4.44 -0.34 -34.07
CA ASP A 97 3.75 -1.52 -34.55
C ASP A 97 2.97 -2.21 -33.48
N THR A 98 1.83 -2.79 -33.82
CA THR A 98 1.05 -3.51 -32.89
C THR A 98 1.48 -4.96 -32.88
N PRO A 99 1.07 -5.70 -31.84
CA PRO A 99 1.42 -7.11 -31.85
C PRO A 99 0.84 -7.85 -33.05
N GLY A 100 -0.36 -7.50 -33.46
CA GLY A 100 -0.93 -8.14 -34.64
C GLY A 100 -0.15 -7.83 -35.90
N ALA A 101 0.40 -6.62 -35.97
CA ALA A 101 1.20 -6.25 -37.14
C ALA A 101 2.52 -7.01 -37.17
N ILE A 102 3.19 -7.12 -36.02
CA ILE A 102 4.46 -7.82 -36.00
C ILE A 102 4.27 -9.32 -36.20
N LEU A 103 3.11 -9.85 -35.78
CA LEU A 103 2.78 -11.23 -36.10
C LEU A 103 2.63 -11.42 -37.60
N GLN A 104 2.03 -10.43 -38.28
CA GLN A 104 1.89 -10.50 -39.73
C GLN A 104 3.25 -10.43 -40.42
N SER A 105 4.10 -9.50 -39.99
CA SER A 105 5.44 -9.39 -40.55
C SER A 105 6.32 -10.57 -40.22
N PHE A 106 5.90 -11.43 -39.28
CA PHE A 106 6.64 -12.66 -39.01
C PHE A 106 6.26 -13.76 -39.99
N PHE A 107 4.95 -14.02 -40.13
CA PHE A 107 4.51 -15.04 -41.08
C PHE A 107 4.84 -14.63 -42.51
N THR A 108 4.77 -13.34 -42.81
CA THR A 108 5.15 -12.86 -44.14
C THR A 108 6.64 -13.09 -44.39
N LYS A 109 7.47 -13.02 -43.36
CA LYS A 109 8.90 -13.28 -43.48
C LYS A 109 9.22 -14.78 -43.59
N MET A 110 8.42 -15.51 -44.37
CA MET A 110 8.65 -16.95 -44.56
C MET A 110 8.73 -17.28 -46.04
N ALA A 111 7.56 -17.31 -46.71
CA ALA A 111 7.46 -17.60 -48.14
C ALA A 111 8.13 -18.93 -48.50
N GLU A 125 -4.96 -20.54 -38.97
CA GLU A 125 -3.53 -20.37 -38.71
C GLU A 125 -3.26 -19.01 -38.08
N GLN A 126 -4.13 -18.04 -38.36
CA GLN A 126 -4.01 -16.69 -37.79
C GLN A 126 -4.68 -16.63 -36.42
N ASP A 127 -4.20 -17.48 -35.52
CA ASP A 127 -4.75 -17.61 -34.18
C ASP A 127 -3.64 -17.90 -33.17
N PHE A 128 -2.52 -17.21 -33.31
CA PHE A 128 -1.40 -17.32 -32.38
C PHE A 128 -1.26 -16.03 -31.56
N VAL A 129 -0.48 -16.13 -30.50
CA VAL A 129 -0.31 -15.03 -29.54
C VAL A 129 1.15 -14.97 -29.11
N LEU A 130 1.67 -13.76 -28.96
CA LEU A 130 3.02 -13.55 -28.44
C LEU A 130 2.97 -13.54 -26.91
N ARG A 131 3.69 -14.47 -26.28
CA ARG A 131 3.79 -14.53 -24.84
C ARG A 131 5.26 -14.45 -24.42
N VAL A 132 5.52 -13.70 -23.35
CA VAL A 132 6.87 -13.56 -22.84
C VAL A 132 7.38 -14.93 -22.39
N CYS A 133 8.63 -15.23 -22.78
CA CYS A 133 9.22 -16.52 -22.44
C CYS A 133 9.33 -16.67 -20.93
N GLY A 134 8.80 -17.77 -20.41
CA GLY A 134 8.89 -18.05 -18.99
C GLY A 134 7.98 -17.23 -18.11
N ARG A 135 6.97 -16.57 -18.69
CA ARG A 135 6.07 -15.74 -17.91
C ARG A 135 4.68 -15.80 -18.51
N ASP A 136 3.67 -15.64 -17.64
CA ASP A 136 2.29 -15.48 -18.10
C ASP A 136 2.02 -13.99 -18.35
N GLU A 137 2.65 -13.51 -19.42
CA GLU A 137 2.56 -12.11 -19.83
C GLU A 137 2.38 -12.09 -21.35
N TYR A 138 1.28 -11.50 -21.81
CA TYR A 138 0.90 -11.54 -23.22
C TYR A 138 1.07 -10.17 -23.86
N LEU A 139 1.65 -10.16 -25.05
CA LEU A 139 1.80 -8.94 -25.85
C LEU A 139 0.72 -9.00 -26.93
N VAL A 140 -0.47 -8.48 -26.59
CA VAL A 140 -1.63 -8.53 -27.46
C VAL A 140 -2.45 -7.25 -27.29
N GLY A 141 -3.42 -7.09 -28.17
CA GLY A 141 -4.30 -5.93 -28.16
C GLY A 141 -3.87 -4.88 -29.16
N GLU A 142 -4.76 -3.91 -29.37
CA GLU A 142 -4.48 -2.78 -30.25
C GLU A 142 -3.68 -1.75 -29.46
N THR A 143 -2.37 -1.98 -29.41
CA THR A 143 -1.47 -1.16 -28.62
C THR A 143 -0.10 -1.15 -29.28
N PRO A 144 0.55 0.00 -29.41
CA PRO A 144 1.94 0.02 -29.86
C PRO A 144 2.81 -0.78 -28.92
N ILE A 145 3.74 -1.55 -29.49
CA ILE A 145 4.58 -2.43 -28.68
C ILE A 145 5.45 -1.65 -27.72
N LYS A 146 5.70 -0.37 -27.99
CA LYS A 146 6.43 0.47 -27.04
C LYS A 146 5.62 0.80 -25.81
N ASN A 147 4.30 0.58 -25.83
CA ASN A 147 3.44 0.88 -24.70
C ASN A 147 3.13 -0.34 -23.85
N PHE A 148 3.81 -1.45 -24.08
CA PHE A 148 3.72 -2.61 -23.19
C PHE A 148 4.77 -2.48 -22.10
N GLN A 149 4.35 -2.73 -20.86
CA GLN A 149 5.25 -2.51 -19.73
C GLN A 149 6.43 -3.46 -19.76
N TRP A 150 6.24 -4.68 -20.26
CA TRP A 150 7.36 -5.61 -20.33
C TRP A 150 8.41 -5.15 -21.34
N VAL A 151 7.97 -4.56 -22.44
CA VAL A 151 8.91 -4.01 -23.42
C VAL A 151 9.71 -2.88 -22.79
N ARG A 152 9.04 -1.98 -22.05
CA ARG A 152 9.74 -0.88 -21.39
C ARG A 152 10.64 -1.39 -20.28
N HIS A 153 10.27 -2.48 -19.61
CA HIS A 153 11.14 -3.07 -18.61
C HIS A 153 12.43 -3.60 -19.24
N CYS A 154 12.31 -4.28 -20.38
CA CYS A 154 13.50 -4.77 -21.08
C CYS A 154 14.35 -3.62 -21.59
N LEU A 155 13.71 -2.54 -22.04
CA LEU A 155 14.46 -1.38 -22.52
C LEU A 155 15.25 -0.72 -21.39
N LYS A 156 14.60 -0.53 -20.23
CA LYS A 156 15.28 0.14 -19.13
C LYS A 156 16.47 -0.66 -18.62
N ASN A 157 16.33 -1.99 -18.57
CA ASN A 157 17.35 -2.86 -18.00
C ASN A 157 18.25 -3.49 -19.05
N GLY A 158 18.11 -3.10 -20.32
CA GLY A 158 19.01 -3.59 -21.35
C GLY A 158 18.88 -5.07 -21.64
N GLU A 159 17.70 -5.64 -21.41
CA GLU A 159 17.47 -7.05 -21.68
C GLU A 159 16.83 -7.23 -23.05
N GLU A 160 17.08 -8.38 -23.66
CA GLU A 160 16.51 -8.69 -24.96
C GLU A 160 15.07 -9.19 -24.80
N ILE A 161 14.19 -8.69 -25.68
CA ILE A 161 12.77 -9.02 -25.61
C ILE A 161 12.59 -10.42 -26.21
N HIS A 162 12.40 -11.41 -25.36
CA HIS A 162 12.22 -12.80 -25.78
C HIS A 162 10.77 -13.20 -25.65
N VAL A 163 10.20 -13.73 -26.73
CA VAL A 163 8.78 -14.03 -26.81
C VAL A 163 8.60 -15.40 -27.48
N VAL A 164 7.62 -16.15 -27.00
CA VAL A 164 7.28 -17.45 -27.58
C VAL A 164 5.96 -17.31 -28.33
N LEU A 165 5.76 -18.17 -29.33
CA LEU A 165 4.59 -18.17 -30.19
C LEU A 165 3.74 -19.38 -29.83
N ASP A 166 2.67 -19.16 -29.07
CA ASP A 166 1.80 -20.26 -28.64
C ASP A 166 0.35 -19.84 -28.84
N THR A 167 -0.57 -20.56 -28.19
CA THR A 167 -2.02 -20.51 -28.27
C THR A 167 -2.60 -19.66 -27.14
N PRO A 168 -3.58 -18.81 -27.45
CA PRO A 168 -4.17 -17.98 -26.40
C PRO A 168 -4.87 -18.83 -25.37
N PRO A 169 -4.89 -18.39 -24.11
CA PRO A 169 -5.64 -19.12 -23.09
C PRO A 169 -7.13 -19.12 -23.39
N ASP A 170 -7.78 -20.23 -23.07
CA ASP A 170 -9.19 -20.42 -23.40
C ASP A 170 -10.06 -19.61 -22.44
N PRO A 171 -10.86 -18.66 -22.92
CA PRO A 171 -11.69 -17.87 -22.00
C PRO A 171 -12.73 -18.68 -21.25
N ALA A 172 -13.03 -19.90 -21.70
CA ALA A 172 -13.96 -20.76 -20.96
C ALA A 172 -13.43 -21.09 -19.57
N LEU A 173 -12.11 -21.08 -19.37
CA LEU A 173 -11.54 -21.35 -18.05
C LEU A 173 -11.95 -20.29 -17.03
N ASP A 174 -12.25 -19.07 -17.47
CA ASP A 174 -12.64 -17.96 -16.61
C ASP A 174 -14.14 -17.95 -16.32
N GLU A 175 -14.82 -19.07 -16.52
CA GLU A 175 -16.27 -19.12 -16.32
C GLU A 175 -16.62 -18.83 -14.86
N VAL A 176 -17.70 -18.06 -14.68
CA VAL A 176 -18.18 -17.68 -13.36
C VAL A 176 -19.43 -18.50 -13.05
N ARG A 177 -19.45 -19.15 -11.89
CA ARG A 177 -20.61 -19.93 -11.51
C ARG A 177 -21.79 -18.99 -11.22
N LYS A 178 -22.99 -19.46 -11.59
CA LYS A 178 -24.17 -18.62 -11.49
C LYS A 178 -24.55 -18.38 -10.03
N GLU A 179 -25.20 -17.24 -9.78
CA GLU A 179 -25.59 -16.85 -8.44
C GLU A 179 -26.88 -17.56 -8.04
N GLU A 180 -27.33 -17.29 -6.81
CA GLU A 180 -28.55 -17.87 -6.29
C GLU A 180 -29.16 -16.98 -5.22
N CYS A 215 -37.61 15.32 13.95
CA CYS A 215 -37.46 15.38 15.41
C CYS A 215 -36.55 16.53 15.83
N ASP A 216 -37.14 17.53 16.48
CA ASP A 216 -36.42 18.71 16.94
C ASP A 216 -35.90 18.56 18.37
N ARG A 217 -36.00 17.38 18.94
CA ARG A 217 -35.47 17.12 20.27
C ARG A 217 -33.96 16.96 20.22
N LYS A 218 -33.27 17.45 21.25
CA LYS A 218 -31.82 17.31 21.32
C LYS A 218 -31.42 15.84 21.46
N PHE A 219 -30.27 15.50 20.89
CA PHE A 219 -29.77 14.14 21.02
C PHE A 219 -29.29 13.89 22.45
N ARG A 220 -29.55 12.67 22.94
CA ARG A 220 -29.06 12.27 24.24
C ARG A 220 -28.82 10.77 24.25
N VAL A 221 -27.86 10.36 25.08
CA VAL A 221 -27.50 8.96 25.26
C VAL A 221 -27.38 8.68 26.75
N LYS A 222 -27.90 7.54 27.18
CA LYS A 222 -27.84 7.12 28.57
C LYS A 222 -26.60 6.24 28.76
N ILE A 223 -25.68 6.67 29.62
CA ILE A 223 -24.51 5.87 29.95
C ILE A 223 -24.87 5.07 31.20
N ARG A 224 -25.11 3.77 31.02
CA ARG A 224 -25.46 2.93 32.15
C ARG A 224 -24.25 2.62 33.00
N GLY A 225 -23.19 2.13 32.38
CA GLY A 225 -21.98 1.80 33.11
C GLY A 225 -20.98 1.09 32.22
N ILE A 226 -19.85 0.76 32.84
CA ILE A 226 -18.78 0.02 32.18
C ILE A 226 -18.48 -1.24 33.00
N ASP A 227 -17.92 -2.23 32.32
CA ASP A 227 -17.70 -3.55 32.91
C ASP A 227 -16.45 -4.19 32.33
N ILE A 228 -15.59 -4.68 33.22
CA ILE A 228 -14.47 -5.53 32.85
C ILE A 228 -14.40 -6.65 33.89
N PRO A 229 -14.19 -7.90 33.47
CA PRO A 229 -14.29 -9.00 34.44
C PRO A 229 -13.24 -8.95 35.55
N VAL A 230 -11.98 -8.66 35.21
CA VAL A 230 -10.89 -8.73 36.17
C VAL A 230 -10.11 -7.43 36.16
N LEU A 231 -9.70 -6.99 37.35
CA LEU A 231 -8.89 -5.79 37.53
C LEU A 231 -7.87 -6.10 38.61
N PRO A 232 -6.60 -5.73 38.41
CA PRO A 232 -5.59 -6.01 39.44
C PRO A 232 -5.93 -5.33 40.75
N ARG A 233 -5.60 -5.99 41.86
CA ARG A 233 -5.92 -5.48 43.18
C ARG A 233 -5.31 -4.13 43.44
N ASN A 234 -4.16 -3.87 42.82
CA ASN A 234 -3.31 -2.76 43.22
C ASN A 234 -3.72 -1.45 42.58
N THR A 235 -3.10 -0.37 43.09
CA THR A 235 -3.20 1.03 42.70
C THR A 235 -4.53 1.65 43.09
N ASP A 236 -4.69 2.93 42.74
CA ASP A 236 -5.88 3.70 43.08
C ASP A 236 -6.17 4.58 41.86
N LEU A 237 -7.19 4.18 41.07
CA LEU A 237 -7.43 4.78 39.78
C LEU A 237 -8.84 5.38 39.71
N THR A 238 -8.93 6.53 39.06
CA THR A 238 -10.19 7.16 38.72
C THR A 238 -10.46 6.99 37.23
N VAL A 239 -11.74 7.09 36.86
CA VAL A 239 -12.17 6.81 35.50
C VAL A 239 -13.42 7.62 35.19
N PHE A 240 -13.53 8.05 33.93
CA PHE A 240 -14.75 8.69 33.44
C PHE A 240 -14.92 8.36 31.96
N VAL A 241 -16.13 8.60 31.46
CA VAL A 241 -16.51 8.28 30.09
C VAL A 241 -16.70 9.58 29.31
N GLU A 242 -16.09 9.65 28.14
CA GLU A 242 -16.24 10.78 27.23
C GLU A 242 -17.05 10.36 26.02
N ALA A 243 -18.12 11.09 25.72
CA ALA A 243 -19.00 10.80 24.60
C ALA A 243 -18.86 11.92 23.56
N ASN A 244 -18.41 11.55 22.37
CA ASN A 244 -18.22 12.51 21.29
C ASN A 244 -19.11 12.14 20.10
N ILE A 245 -19.70 13.15 19.48
CA ILE A 245 -20.36 13.02 18.20
C ILE A 245 -19.36 13.48 17.14
N GLN A 246 -18.91 12.55 16.29
CA GLN A 246 -17.83 12.81 15.36
C GLN A 246 -18.31 12.60 13.92
N HIS A 247 -17.82 13.46 13.03
CA HIS A 247 -18.11 13.35 11.60
C HIS A 247 -16.87 13.85 10.86
N GLY A 248 -16.17 12.95 10.18
CA GLY A 248 -14.93 13.33 9.52
C GLY A 248 -13.88 13.85 10.49
N GLN A 249 -13.79 13.23 11.67
CA GLN A 249 -12.91 13.64 12.76
C GLN A 249 -13.20 15.04 13.28
N GLN A 250 -14.29 15.68 12.83
CA GLN A 250 -14.78 16.89 13.46
C GLN A 250 -15.59 16.51 14.70
N VAL A 251 -15.32 17.18 15.81
CA VAL A 251 -16.06 16.95 17.04
C VAL A 251 -17.23 17.93 17.05
N LEU A 252 -18.42 17.41 16.73
CA LEU A 252 -19.61 18.26 16.68
C LEU A 252 -20.11 18.61 18.08
N CYS A 253 -20.11 17.64 18.99
CA CYS A 253 -20.55 17.86 20.37
C CYS A 253 -19.86 16.86 21.26
N GLN A 254 -19.62 17.26 22.51
CA GLN A 254 -18.92 16.43 23.48
C GLN A 254 -19.57 16.55 24.85
N ARG A 255 -19.75 15.40 25.51
CA ARG A 255 -20.23 15.35 26.88
C ARG A 255 -19.38 14.36 27.67
N ARG A 256 -19.36 14.54 28.98
CA ARG A 256 -18.56 13.70 29.86
C ARG A 256 -19.37 13.31 31.09
N THR A 257 -19.07 12.14 31.63
CA THR A 257 -19.59 11.73 32.92
C THR A 257 -18.66 12.20 34.03
N SER A 258 -19.09 12.01 35.27
CA SER A 258 -18.26 12.37 36.40
C SER A 258 -17.18 11.30 36.62
N PRO A 259 -16.05 11.67 37.21
CA PRO A 259 -15.03 10.66 37.52
C PRO A 259 -15.44 9.82 38.71
N LYS A 260 -15.14 8.52 38.64
CA LYS A 260 -15.47 7.58 39.69
C LYS A 260 -14.32 6.60 39.86
N PRO A 261 -14.21 5.98 41.04
CA PRO A 261 -13.16 4.97 41.25
C PRO A 261 -13.28 3.84 40.23
N PHE A 262 -12.13 3.35 39.78
CA PHE A 262 -12.07 2.31 38.75
C PHE A 262 -12.15 0.95 39.42
N THR A 263 -13.34 0.33 39.36
CA THR A 263 -13.57 -1.03 39.79
C THR A 263 -14.03 -1.87 38.60
N GLU A 264 -14.27 -3.16 38.85
CA GLU A 264 -14.70 -4.04 37.76
C GLU A 264 -15.99 -3.55 37.13
N GLU A 265 -16.90 -3.01 37.94
CA GLU A 265 -18.14 -2.42 37.44
C GLU A 265 -18.24 -0.99 37.96
N VAL A 266 -18.35 -0.04 37.05
CA VAL A 266 -18.57 1.37 37.39
C VAL A 266 -19.89 1.78 36.76
N LEU A 267 -20.80 2.31 37.57
CA LEU A 267 -22.15 2.64 37.14
C LEU A 267 -22.41 4.13 37.24
N TRP A 268 -23.16 4.65 36.28
CA TRP A 268 -23.50 6.07 36.25
C TRP A 268 -25.00 6.26 36.12
N ASN A 269 -25.59 5.62 35.11
CA ASN A 269 -27.01 5.75 34.81
C ASN A 269 -27.41 7.20 34.56
N VAL A 270 -26.58 7.92 33.79
CA VAL A 270 -26.84 9.33 33.50
C VAL A 270 -27.33 9.48 32.08
N TRP A 271 -28.13 10.51 31.86
CA TRP A 271 -28.41 10.99 30.52
C TRP A 271 -27.38 12.06 30.18
N LEU A 272 -26.63 11.84 29.11
CA LEU A 272 -25.75 12.85 28.54
C LEU A 272 -26.52 13.51 27.39
N GLU A 273 -26.97 14.73 27.61
CA GLU A 273 -27.78 15.44 26.62
C GLU A 273 -26.90 16.42 25.85
N PHE A 274 -26.89 16.29 24.54
CA PHE A 274 -26.13 17.14 23.65
C PHE A 274 -26.98 18.29 23.15
N SER A 275 -26.33 19.28 22.55
CA SER A 275 -27.04 20.43 22.01
C SER A 275 -27.53 20.21 20.59
N ILE A 276 -26.88 19.33 19.84
CA ILE A 276 -27.29 19.07 18.46
C ILE A 276 -28.62 18.34 18.45
N LYS A 277 -29.50 18.75 17.53
CA LYS A 277 -30.81 18.13 17.41
C LYS A 277 -30.72 16.83 16.63
N ILE A 278 -31.73 15.97 16.84
CA ILE A 278 -31.76 14.67 16.16
C ILE A 278 -31.78 14.86 14.65
N LYS A 279 -32.63 15.79 14.16
CA LYS A 279 -32.76 16.03 12.73
C LYS A 279 -31.50 16.63 12.12
N ASP A 280 -30.54 17.06 12.94
CA ASP A 280 -29.29 17.64 12.45
C ASP A 280 -28.14 16.64 12.44
N LEU A 281 -28.36 15.42 12.91
CA LEU A 281 -27.32 14.40 12.86
C LEU A 281 -27.06 14.02 11.40
N PRO A 282 -25.84 14.19 10.90
CA PRO A 282 -25.56 13.80 9.51
C PRO A 282 -25.35 12.29 9.39
N LYS A 283 -25.65 11.78 8.21
CA LYS A 283 -25.39 10.36 7.94
C LYS A 283 -23.90 10.10 7.96
N GLY A 284 -23.51 8.99 8.60
CA GLY A 284 -22.12 8.68 8.80
C GLY A 284 -21.55 9.18 10.11
N ALA A 285 -22.31 9.91 10.90
CA ALA A 285 -21.82 10.41 12.18
C ALA A 285 -21.64 9.26 13.16
N LEU A 286 -20.58 9.35 13.96
CA LEU A 286 -20.23 8.32 14.93
C LEU A 286 -20.46 8.83 16.34
N LEU A 287 -20.97 7.95 17.20
CA LEU A 287 -20.96 8.17 18.65
C LEU A 287 -19.68 7.54 19.18
N ASN A 288 -18.69 8.38 19.45
CA ASN A 288 -17.40 7.91 19.93
C ASN A 288 -17.42 7.90 21.46
N LEU A 289 -17.30 6.71 22.04
CA LEU A 289 -17.29 6.52 23.49
C LEU A 289 -15.89 6.13 23.92
N GLN A 290 -15.34 6.86 24.89
CA GLN A 290 -13.97 6.66 25.31
C GLN A 290 -13.88 6.73 26.83
N ILE A 291 -13.02 5.88 27.40
CA ILE A 291 -12.82 5.80 28.83
C ILE A 291 -11.45 6.37 29.14
N TYR A 292 -11.41 7.35 30.03
CA TYR A 292 -10.17 8.00 30.47
C TYR A 292 -9.89 7.64 31.92
N CYS A 293 -8.61 7.49 32.24
CA CYS A 293 -8.21 7.22 33.61
C CYS A 293 -7.40 8.38 34.18
N LEU A 318 -6.33 8.17 27.98
CA LEU A 318 -7.21 7.32 27.21
C LEU A 318 -6.85 5.85 27.37
N LEU A 319 -7.81 5.03 27.79
CA LEU A 319 -7.62 3.60 28.00
C LEU A 319 -8.41 2.74 27.04
N TYR A 320 -9.67 3.07 26.79
CA TYR A 320 -10.53 2.26 25.93
C TYR A 320 -11.32 3.18 25.01
N TYR A 321 -11.77 2.62 23.89
CA TYR A 321 -12.60 3.35 22.95
C TYR A 321 -13.49 2.37 22.18
N VAL A 322 -14.60 2.91 21.68
CA VAL A 322 -15.50 2.17 20.80
C VAL A 322 -16.39 3.19 20.09
N ASN A 323 -16.83 2.84 18.88
CA ASN A 323 -17.64 3.74 18.06
C ASN A 323 -18.95 3.06 17.68
N LEU A 324 -19.98 3.89 17.52
CA LEU A 324 -21.30 3.41 17.14
C LEU A 324 -21.89 4.36 16.09
N LEU A 325 -22.26 3.82 14.94
CA LEU A 325 -22.91 4.60 13.90
C LEU A 325 -24.30 5.02 14.37
N LEU A 326 -24.54 6.32 14.45
CA LEU A 326 -25.83 6.81 14.91
C LEU A 326 -26.92 6.64 13.85
N ILE A 327 -26.53 6.67 12.58
CA ILE A 327 -27.43 6.41 11.45
C ILE A 327 -26.91 5.16 10.76
N ASP A 328 -27.78 4.15 10.63
CA ASP A 328 -27.35 2.87 10.08
C ASP A 328 -27.38 2.92 8.56
N HIS A 329 -27.11 1.78 7.93
CA HIS A 329 -27.04 1.67 6.47
C HIS A 329 -28.39 1.87 5.78
N ARG A 330 -29.50 1.86 6.53
CA ARG A 330 -30.82 2.08 5.96
C ARG A 330 -31.38 3.45 6.30
N PHE A 331 -30.51 4.41 6.64
CA PHE A 331 -30.93 5.77 7.02
C PHE A 331 -31.81 5.78 8.25
N LEU A 332 -31.63 4.81 9.14
CA LEU A 332 -32.44 4.67 10.34
C LEU A 332 -31.61 5.08 11.56
N LEU A 333 -32.20 5.87 12.43
CA LEU A 333 -31.51 6.29 13.65
C LEU A 333 -31.34 5.10 14.60
N ARG A 334 -30.12 4.91 15.07
CA ARG A 334 -29.84 3.80 15.98
C ARG A 334 -30.63 3.96 17.28
N ARG A 335 -31.22 2.86 17.75
CA ARG A 335 -32.09 2.91 18.90
C ARG A 335 -31.97 1.62 19.70
N GLY A 336 -32.18 1.73 21.01
CA GLY A 336 -32.26 0.59 21.89
C GLY A 336 -31.07 0.48 22.83
N GLU A 337 -30.98 -0.67 23.48
CA GLU A 337 -29.87 -0.96 24.39
C GLU A 337 -28.68 -1.48 23.61
N TYR A 338 -27.49 -1.08 24.03
CA TYR A 338 -26.26 -1.53 23.39
C TYR A 338 -25.19 -1.82 24.42
N VAL A 339 -24.63 -3.03 24.37
CA VAL A 339 -23.50 -3.43 25.18
C VAL A 339 -22.32 -3.58 24.23
N LEU A 340 -21.45 -2.57 24.21
CA LEU A 340 -20.38 -2.48 23.24
C LEU A 340 -19.06 -2.89 23.88
N HIS A 341 -18.43 -3.94 23.35
CA HIS A 341 -17.12 -4.37 23.82
C HIS A 341 -16.05 -3.55 23.14
N MET A 342 -15.23 -2.89 23.95
CA MET A 342 -14.38 -1.80 23.50
C MET A 342 -12.96 -2.27 23.19
N TRP A 343 -12.24 -1.45 22.43
CA TRP A 343 -10.84 -1.68 22.11
C TRP A 343 -9.96 -1.00 23.15
N GLN A 344 -8.87 -1.67 23.52
CA GLN A 344 -7.94 -1.15 24.52
C GLN A 344 -6.75 -0.49 23.85
N ILE A 345 -6.37 0.69 24.33
CA ILE A 345 -5.19 1.38 23.83
C ILE A 345 -3.94 0.62 24.26
N SER A 346 -3.11 0.26 23.29
CA SER A 346 -1.86 -0.43 23.59
C SER A 346 -0.83 0.54 24.13
N GLY A 347 -0.13 0.12 25.18
CA GLY A 347 0.87 0.96 25.82
C GLY A 347 2.17 1.04 25.03
N PHE A 355 -6.63 9.59 15.85
CA PHE A 355 -5.19 9.40 15.90
C PHE A 355 -4.71 8.42 14.84
N ASN A 356 -5.42 7.30 14.67
CA ASN A 356 -5.09 6.36 13.60
C ASN A 356 -6.38 5.74 13.08
N ALA A 357 -6.26 4.96 12.00
CA ALA A 357 -7.44 4.43 11.32
C ALA A 357 -8.22 3.47 12.20
N ASP A 358 -7.55 2.74 13.10
CA ASP A 358 -8.25 1.78 13.94
C ASP A 358 -9.18 2.47 14.93
N LYS A 359 -8.90 3.72 15.28
CA LYS A 359 -9.77 4.44 16.21
C LYS A 359 -11.09 4.88 15.57
N LEU A 360 -11.25 4.70 14.26
CA LEU A 360 -12.44 5.12 13.56
C LEU A 360 -13.41 3.98 13.27
N THR A 361 -13.03 2.74 13.59
CA THR A 361 -13.84 1.59 13.18
C THR A 361 -15.13 1.53 13.99
N SER A 362 -16.21 1.12 13.32
CA SER A 362 -17.48 0.86 13.98
C SER A 362 -17.63 -0.59 14.40
N ALA A 363 -16.63 -1.42 14.16
CA ALA A 363 -16.64 -2.79 14.64
C ALA A 363 -16.31 -2.81 16.13
N THR A 364 -16.91 -3.76 16.83
CA THR A 364 -16.66 -3.95 18.25
C THR A 364 -15.64 -5.07 18.46
N ASN A 365 -15.07 -5.08 19.66
CA ASN A 365 -14.04 -6.07 19.99
C ASN A 365 -14.63 -7.48 19.93
N PRO A 366 -14.08 -8.38 19.12
CA PRO A 366 -14.64 -9.74 19.05
C PRO A 366 -14.43 -10.54 20.33
N ASP A 367 -13.46 -10.18 21.17
CA ASP A 367 -13.21 -10.88 22.43
C ASP A 367 -14.19 -10.32 23.46
N LYS A 368 -15.33 -10.99 23.62
CA LYS A 368 -16.36 -10.52 24.54
C LYS A 368 -16.23 -11.13 25.93
N GLU A 369 -15.25 -12.00 26.15
CA GLU A 369 -15.07 -12.63 27.46
C GLU A 369 -14.23 -11.78 28.40
N ASN A 370 -13.19 -11.12 27.88
CA ASN A 370 -12.23 -10.43 28.73
C ASN A 370 -12.08 -8.95 28.41
N SER A 371 -12.85 -8.42 27.47
CA SER A 371 -12.72 -7.01 27.11
C SER A 371 -13.58 -6.12 28.00
N MET A 372 -13.23 -4.83 28.01
CA MET A 372 -14.07 -3.84 28.65
C MET A 372 -15.31 -3.60 27.81
N SER A 373 -16.47 -3.57 28.46
CA SER A 373 -17.73 -3.29 27.77
C SER A 373 -18.36 -2.03 28.36
N ILE A 374 -19.11 -1.33 27.52
CA ILE A 374 -19.87 -0.15 27.95
C ILE A 374 -21.32 -0.33 27.54
N SER A 375 -22.24 -0.08 28.47
CA SER A 375 -23.66 -0.26 28.25
C SER A 375 -24.34 1.10 28.13
N ILE A 376 -25.06 1.31 27.04
CA ILE A 376 -25.74 2.57 26.78
C ILE A 376 -27.18 2.30 26.36
N LEU A 377 -28.00 3.36 26.43
CA LEU A 377 -29.38 3.31 25.98
C LEU A 377 -29.64 4.47 25.02
N LEU A 378 -30.13 4.14 23.83
CA LEU A 378 -30.51 5.12 22.82
C LEU A 378 -32.02 5.04 22.60
N ASP A 379 -32.69 6.19 22.67
CA ASP A 379 -34.14 6.22 22.45
C ASP A 379 -34.51 7.65 22.07
N ASN A 380 -34.65 7.90 20.77
CA ASN A 380 -34.96 9.24 20.27
C ASN A 380 -36.10 9.22 19.26
N HIS A 383 -37.27 11.10 10.21
CA HIS A 383 -36.19 10.40 9.54
C HIS A 383 -35.71 11.16 8.29
N PRO A 384 -34.49 10.86 7.82
CA PRO A 384 -33.93 11.64 6.69
C PRO A 384 -34.69 11.49 5.38
N ILE A 385 -34.10 12.01 4.31
CA ILE A 385 -34.74 12.12 3.01
C ILE A 385 -33.81 11.53 1.96
N ALA A 386 -34.39 11.03 0.87
CA ALA A 386 -35.83 11.02 0.62
C ALA A 386 -36.32 9.66 0.15
N GLU A 404 -19.29 38.99 -6.99
CA GLU A 404 -17.89 38.59 -7.10
C GLU A 404 -17.11 39.04 -5.87
N MET A 405 -16.11 38.26 -5.48
CA MET A 405 -15.30 38.59 -4.33
C MET A 405 -14.57 39.91 -4.57
N PRO A 406 -14.39 40.72 -3.53
CA PRO A 406 -13.44 41.83 -3.62
C PRO A 406 -12.02 41.29 -3.74
N ASN A 407 -11.16 42.08 -4.37
CA ASN A 407 -9.85 41.56 -4.76
C ASN A 407 -8.96 41.24 -3.56
N GLN A 408 -9.17 41.91 -2.41
CA GLN A 408 -8.36 41.60 -1.25
C GLN A 408 -8.79 40.30 -0.58
N LEU A 409 -10.10 40.08 -0.45
CA LEU A 409 -10.57 38.80 0.08
C LEU A 409 -10.26 37.66 -0.87
N ARG A 410 -10.25 37.92 -2.17
CA ARG A 410 -9.85 36.89 -3.13
C ARG A 410 -8.39 36.48 -2.92
N LYS A 411 -7.52 37.46 -2.65
CA LYS A 411 -6.12 37.15 -2.36
C LYS A 411 -6.00 36.26 -1.13
N GLN A 412 -6.77 36.55 -0.08
CA GLN A 412 -6.73 35.72 1.11
C GLN A 412 -7.23 34.31 0.81
N LEU A 413 -8.30 34.21 0.01
CA LEU A 413 -8.82 32.90 -0.36
C LEU A 413 -7.80 32.10 -1.17
N GLU A 414 -7.15 32.76 -2.14
CA GLU A 414 -6.16 32.08 -2.97
C GLU A 414 -4.95 31.64 -2.15
N ALA A 415 -4.60 32.39 -1.12
CA ALA A 415 -3.51 31.97 -0.24
C ALA A 415 -3.91 30.73 0.57
N ILE A 416 -5.15 30.71 1.07
CA ILE A 416 -5.63 29.55 1.83
C ILE A 416 -5.61 28.31 0.95
N ILE A 417 -6.05 28.44 -0.31
CA ILE A 417 -6.09 27.29 -1.21
C ILE A 417 -4.69 26.81 -1.55
N ALA A 418 -3.72 27.72 -1.63
CA ALA A 418 -2.37 27.36 -2.04
C ALA A 418 -1.58 26.63 -0.97
N THR A 419 -2.03 26.68 0.29
CA THR A 419 -1.29 26.02 1.36
C THR A 419 -1.44 24.49 1.26
N ASP A 420 -0.52 23.80 1.91
CA ASP A 420 -0.46 22.34 1.86
C ASP A 420 -1.65 21.72 2.58
N PRO A 421 -1.94 20.44 2.34
CA PRO A 421 -3.11 19.81 2.98
C PRO A 421 -3.04 19.77 4.50
N LEU A 422 -1.85 19.92 5.10
CA LEU A 422 -1.72 19.87 6.55
C LEU A 422 -1.96 21.21 7.23
N ASN A 423 -2.07 22.29 6.46
CA ASN A 423 -2.24 23.61 7.06
C ASN A 423 -3.56 23.68 7.80
N PRO A 424 -3.57 24.04 9.08
CA PRO A 424 -4.83 24.11 9.82
C PRO A 424 -5.67 25.30 9.38
N LEU A 425 -6.99 25.09 9.39
CA LEU A 425 -7.94 26.10 8.96
C LEU A 425 -8.45 26.87 10.17
N THR A 426 -8.26 28.19 10.16
CA THR A 426 -8.87 29.06 11.16
C THR A 426 -10.37 29.12 10.94
N ALA A 427 -11.10 29.42 12.02
CA ALA A 427 -12.53 29.66 11.89
C ALA A 427 -12.82 30.77 10.89
N GLU A 428 -11.96 31.80 10.86
CA GLU A 428 -12.10 32.85 9.85
C GLU A 428 -11.87 32.30 8.45
N ASP A 429 -10.92 31.37 8.31
CA ASP A 429 -10.68 30.75 7.00
C ASP A 429 -11.89 29.94 6.55
N LYS A 430 -12.48 29.17 7.47
CA LYS A 430 -13.61 28.32 7.11
C LYS A 430 -14.82 29.16 6.69
N GLU A 431 -15.10 30.23 7.43
CA GLU A 431 -16.21 31.10 7.06
C GLU A 431 -15.95 31.80 5.73
N LEU A 432 -14.68 32.07 5.42
CA LEU A 432 -14.32 32.65 4.13
C LEU A 432 -14.60 31.67 3.00
N LEU A 433 -14.15 30.42 3.15
CA LEU A 433 -14.39 29.41 2.12
C LEU A 433 -15.88 29.11 1.96
N TRP A 434 -16.63 29.10 3.07
CA TRP A 434 -18.04 28.76 2.99
C TRP A 434 -18.88 29.89 2.40
N HIS A 435 -18.65 31.14 2.83
CA HIS A 435 -19.47 32.24 2.32
C HIS A 435 -19.23 32.45 0.83
N PHE A 436 -17.98 32.41 0.39
CA PHE A 436 -17.63 32.48 -1.02
C PHE A 436 -17.53 31.09 -1.63
N ARG A 437 -18.45 30.24 -1.17
CA ARG A 437 -18.76 28.91 -1.68
C ARG A 437 -18.56 28.78 -3.17
N TYR A 438 -19.27 29.60 -3.95
CA TYR A 438 -19.30 29.42 -5.39
C TYR A 438 -18.02 29.85 -6.07
N GLU A 439 -17.24 30.74 -5.46
CA GLU A 439 -15.90 31.00 -5.97
C GLU A 439 -14.95 29.86 -5.63
N SER A 440 -15.10 29.26 -4.45
CA SER A 440 -14.26 28.12 -4.09
C SER A 440 -14.49 26.94 -5.03
N LEU A 441 -15.71 26.79 -5.55
CA LEU A 441 -16.01 25.69 -6.45
C LEU A 441 -15.24 25.76 -7.75
N LYS A 442 -14.72 26.93 -8.11
CA LYS A 442 -13.93 27.09 -9.33
C LYS A 442 -12.47 26.68 -9.15
N HIS A 443 -12.08 26.24 -7.96
CA HIS A 443 -10.70 25.82 -7.68
C HIS A 443 -10.71 24.40 -7.17
N PRO A 444 -10.39 23.40 -8.00
CA PRO A 444 -10.42 22.00 -7.54
C PRO A 444 -9.54 21.74 -6.32
N LYS A 445 -8.40 22.41 -6.21
CA LYS A 445 -7.52 22.20 -5.06
C LYS A 445 -8.10 22.74 -3.77
N ALA A 446 -9.19 23.51 -3.83
CA ALA A 446 -9.82 24.05 -2.63
C ALA A 446 -10.87 23.09 -2.05
N TYR A 447 -11.26 22.07 -2.79
CA TYR A 447 -12.36 21.21 -2.36
C TYR A 447 -12.09 20.55 -1.00
N PRO A 448 -10.91 19.99 -0.72
CA PRO A 448 -10.68 19.47 0.64
C PRO A 448 -10.85 20.51 1.73
N LYS A 449 -10.29 21.70 1.55
CA LYS A 449 -10.45 22.75 2.55
C LYS A 449 -11.87 23.31 2.56
N LEU A 450 -12.54 23.32 1.40
CA LEU A 450 -13.91 23.80 1.34
C LEU A 450 -14.85 22.91 2.16
N PHE A 451 -14.78 21.59 1.95
CA PHE A 451 -15.67 20.69 2.66
C PHE A 451 -15.29 20.51 4.12
N SER A 452 -14.05 20.85 4.49
CA SER A 452 -13.70 20.96 5.90
C SER A 452 -14.30 22.20 6.55
N SER A 453 -14.82 23.13 5.75
CA SER A 453 -15.48 24.32 6.26
C SER A 453 -16.99 24.15 6.37
N VAL A 454 -17.52 23.00 5.99
CA VAL A 454 -18.96 22.75 6.07
C VAL A 454 -19.32 22.40 7.51
N LYS A 455 -20.39 23.01 8.02
CA LYS A 455 -20.92 22.67 9.33
C LYS A 455 -21.82 21.45 9.16
N TRP A 456 -21.20 20.26 9.23
CA TRP A 456 -21.90 19.01 8.98
C TRP A 456 -22.92 18.67 10.06
N GLY A 457 -22.89 19.34 11.20
CA GLY A 457 -23.89 19.22 12.24
C GLY A 457 -25.14 20.04 12.04
N GLN A 458 -25.32 20.65 10.86
CA GLN A 458 -26.51 21.44 10.54
C GLN A 458 -27.11 20.92 9.24
N GLN A 459 -28.35 20.43 9.32
CA GLN A 459 -28.98 19.82 8.15
C GLN A 459 -29.15 20.82 7.02
N GLU A 460 -29.50 22.07 7.33
CA GLU A 460 -29.71 23.07 6.29
C GLU A 460 -28.41 23.42 5.59
N ILE A 461 -27.29 23.39 6.31
CA ILE A 461 -26.00 23.65 5.67
C ILE A 461 -25.56 22.45 4.83
N VAL A 462 -25.84 21.24 5.31
CA VAL A 462 -25.56 20.04 4.51
C VAL A 462 -26.36 20.06 3.22
N ALA A 463 -27.64 20.46 3.30
CA ALA A 463 -28.45 20.56 2.10
C ALA A 463 -27.89 21.59 1.13
N LYS A 464 -27.41 22.72 1.66
CA LYS A 464 -26.75 23.71 0.81
C LYS A 464 -25.50 23.15 0.16
N THR A 465 -24.80 22.24 0.85
CA THR A 465 -23.61 21.63 0.27
C THR A 465 -23.98 20.70 -0.90
N TYR A 466 -25.06 19.95 -0.76
CA TYR A 466 -25.51 19.09 -1.86
C TYR A 466 -25.98 19.93 -3.05
N GLN A 467 -26.62 21.08 -2.78
CA GLN A 467 -26.96 22.00 -3.86
C GLN A 467 -25.70 22.51 -4.55
N LEU A 468 -24.65 22.76 -3.79
CA LEU A 468 -23.39 23.23 -4.37
C LEU A 468 -22.80 22.18 -5.30
N LEU A 469 -22.83 20.91 -4.88
CA LEU A 469 -22.26 19.83 -5.68
C LEU A 469 -23.12 19.46 -6.88
N ALA A 470 -24.34 19.99 -6.97
CA ALA A 470 -25.17 19.72 -8.14
C ALA A 470 -24.58 20.37 -9.39
N ARG A 471 -24.02 21.57 -9.25
CA ARG A 471 -23.36 22.27 -10.36
C ARG A 471 -21.87 21.96 -10.30
N ARG A 472 -21.53 20.76 -10.78
CA ARG A 472 -20.20 20.20 -10.65
C ARG A 472 -19.39 20.31 -11.94
N GLU A 473 -19.67 21.31 -12.77
CA GLU A 473 -19.05 21.40 -14.10
C GLU A 473 -17.53 21.48 -13.99
N VAL A 474 -17.03 22.38 -13.14
CA VAL A 474 -15.59 22.59 -13.04
C VAL A 474 -14.89 21.32 -12.57
N TRP A 475 -15.48 20.61 -11.60
CA TRP A 475 -14.85 19.41 -11.08
C TRP A 475 -14.87 18.27 -12.10
N ASP A 476 -16.00 18.07 -12.78
CA ASP A 476 -16.09 17.00 -13.78
C ASP A 476 -15.12 17.22 -14.94
N GLN A 477 -14.90 18.49 -15.32
CA GLN A 477 -14.02 18.78 -16.45
C GLN A 477 -12.55 18.84 -16.06
N SER A 478 -12.25 18.98 -14.77
CA SER A 478 -10.86 19.15 -14.34
C SER A 478 -10.04 17.91 -14.64
N ALA A 479 -8.75 18.10 -14.81
CA ALA A 479 -7.84 16.98 -15.02
C ALA A 479 -7.71 16.19 -13.72
N LEU A 480 -7.56 14.87 -13.86
CA LEU A 480 -7.49 14.00 -12.71
C LEU A 480 -6.24 14.31 -11.87
N ASP A 481 -6.45 14.67 -10.62
CA ASP A 481 -5.39 14.94 -9.66
C ASP A 481 -5.50 13.87 -8.58
N VAL A 482 -4.60 12.88 -8.64
CA VAL A 482 -4.68 11.75 -7.72
C VAL A 482 -4.56 12.22 -6.27
N GLY A 483 -3.53 13.02 -5.98
CA GLY A 483 -3.35 13.52 -4.63
C GLY A 483 -4.56 14.27 -4.11
N LEU A 484 -5.15 15.12 -4.95
CA LEU A 484 -6.36 15.84 -4.56
C LEU A 484 -7.49 14.85 -4.26
N THR A 485 -7.67 13.86 -5.13
CA THR A 485 -8.74 12.89 -4.94
C THR A 485 -8.55 12.07 -3.67
N MET A 486 -7.29 11.72 -3.35
CA MET A 486 -7.03 10.95 -2.15
C MET A 486 -7.30 11.75 -0.89
N GLN A 487 -7.12 13.08 -0.95
CA GLN A 487 -7.45 13.92 0.19
C GLN A 487 -8.92 13.77 0.57
N LEU A 488 -9.81 13.71 -0.42
CA LEU A 488 -11.24 13.60 -0.16
C LEU A 488 -11.66 12.22 0.32
N LEU A 489 -10.74 11.25 0.35
CA LEU A 489 -11.06 9.89 0.77
C LEU A 489 -10.42 9.52 2.10
N ASP A 490 -9.77 10.46 2.79
CA ASP A 490 -9.07 10.15 4.02
C ASP A 490 -10.02 10.31 5.21
N CYS A 491 -9.47 10.39 6.42
CA CYS A 491 -10.28 10.39 7.64
C CYS A 491 -11.06 11.68 7.86
N ASN A 492 -10.76 12.75 7.12
CA ASN A 492 -11.36 14.05 7.37
C ASN A 492 -12.71 14.24 6.70
N PHE A 493 -13.18 13.28 5.90
CA PHE A 493 -14.44 13.42 5.17
C PHE A 493 -15.27 12.16 5.34
N SER A 494 -16.41 12.29 6.00
CA SER A 494 -17.34 11.19 6.22
C SER A 494 -18.61 11.29 5.38
N ASP A 495 -18.79 12.39 4.64
CA ASP A 495 -19.98 12.56 3.83
C ASP A 495 -19.88 11.70 2.58
N GLU A 496 -20.93 10.91 2.32
CA GLU A 496 -20.92 9.98 1.20
C GLU A 496 -20.84 10.70 -0.14
N ASN A 497 -21.51 11.85 -0.27
CA ASN A 497 -21.51 12.55 -1.54
C ASN A 497 -20.17 13.21 -1.83
N VAL A 498 -19.48 13.70 -0.79
CA VAL A 498 -18.15 14.26 -0.99
C VAL A 498 -17.18 13.15 -1.40
N ARG A 499 -17.25 12.00 -0.75
CA ARG A 499 -16.37 10.90 -1.12
C ARG A 499 -16.76 10.30 -2.46
N ALA A 500 -18.04 10.43 -2.86
CA ALA A 500 -18.48 9.88 -4.13
C ALA A 500 -17.86 10.63 -5.32
N ILE A 501 -17.78 11.97 -5.22
CA ILE A 501 -17.19 12.73 -6.32
C ILE A 501 -15.69 12.47 -6.42
N ALA A 502 -15.05 12.03 -5.34
CA ALA A 502 -13.66 11.60 -5.42
C ALA A 502 -13.55 10.29 -6.20
N VAL A 503 -14.37 9.30 -5.84
CA VAL A 503 -14.38 8.03 -6.56
C VAL A 503 -14.75 8.25 -8.03
N GLN A 504 -15.61 9.22 -8.31
CA GLN A 504 -15.95 9.53 -9.69
C GLN A 504 -14.71 9.90 -10.50
N LYS A 505 -13.77 10.63 -9.89
CA LYS A 505 -12.57 11.03 -10.60
C LYS A 505 -11.63 9.86 -10.81
N LEU A 506 -11.61 8.89 -9.89
CA LEU A 506 -10.78 7.70 -10.05
C LEU A 506 -11.24 6.85 -11.23
N GLU A 507 -12.47 7.04 -11.72
CA GLU A 507 -12.98 6.20 -12.80
C GLU A 507 -12.19 6.38 -14.09
N SER A 508 -11.51 7.51 -14.28
CA SER A 508 -10.73 7.76 -15.48
C SER A 508 -9.31 7.19 -15.39
N LEU A 509 -8.92 6.64 -14.25
CA LEU A 509 -7.60 6.02 -14.13
C LEU A 509 -7.51 4.80 -15.03
N GLU A 510 -6.40 4.69 -15.76
CA GLU A 510 -6.15 3.47 -16.49
C GLU A 510 -5.56 2.41 -15.56
N ASP A 511 -5.54 1.17 -16.04
CA ASP A 511 -5.09 0.05 -15.19
C ASP A 511 -3.66 0.26 -14.70
N ASP A 512 -2.82 0.89 -15.51
CA ASP A 512 -1.44 1.13 -15.09
C ASP A 512 -1.38 2.00 -13.84
N ASP A 513 -2.23 3.02 -13.76
CA ASP A 513 -2.21 3.91 -12.60
C ASP A 513 -2.99 3.36 -11.43
N VAL A 514 -4.04 2.57 -11.69
CA VAL A 514 -4.75 1.91 -10.59
C VAL A 514 -3.80 1.02 -9.80
N LEU A 515 -2.89 0.33 -10.49
CA LEU A 515 -1.91 -0.51 -9.81
C LEU A 515 -0.97 0.32 -8.94
N HIS A 516 -0.63 1.53 -9.38
CA HIS A 516 0.26 2.38 -8.59
C HIS A 516 -0.37 2.77 -7.27
N TYR A 517 -1.69 2.96 -7.23
CA TYR A 517 -2.37 3.46 -6.04
C TYR A 517 -3.31 2.44 -5.41
N LEU A 518 -3.26 1.18 -5.85
CA LEU A 518 -4.20 0.18 -5.36
C LEU A 518 -4.08 -0.01 -3.85
N LEU A 519 -2.84 -0.13 -3.35
CA LEU A 519 -2.65 -0.37 -1.91
C LEU A 519 -3.22 0.76 -1.08
N GLN A 520 -2.99 2.01 -1.49
CA GLN A 520 -3.51 3.14 -0.74
C GLN A 520 -5.03 3.21 -0.80
N LEU A 521 -5.60 2.89 -1.97
CA LEU A 521 -7.06 2.91 -2.11
C LEU A 521 -7.71 1.82 -1.25
N VAL A 522 -7.08 0.64 -1.16
CA VAL A 522 -7.58 -0.40 -0.27
C VAL A 522 -7.54 0.07 1.17
N GLN A 523 -6.44 0.70 1.58
CA GLN A 523 -6.35 1.21 2.95
C GLN A 523 -7.39 2.30 3.20
N ALA A 524 -7.74 3.08 2.18
CA ALA A 524 -8.69 4.16 2.37
C ALA A 524 -10.10 3.66 2.63
N VAL A 525 -10.35 2.37 2.39
CA VAL A 525 -11.64 1.77 2.74
C VAL A 525 -11.88 1.84 4.23
N LYS A 526 -10.79 1.84 5.03
CA LYS A 526 -10.93 1.95 6.48
C LYS A 526 -11.59 3.26 6.89
N PHE A 527 -11.47 4.29 6.05
CA PHE A 527 -12.05 5.60 6.35
C PHE A 527 -13.52 5.71 5.96
N GLU A 528 -14.08 4.68 5.33
CA GLU A 528 -15.49 4.71 4.93
C GLU A 528 -16.38 4.50 6.15
N PRO A 529 -17.43 5.30 6.33
CA PRO A 529 -18.35 5.05 7.44
C PRO A 529 -19.13 3.75 7.29
N TYR A 530 -19.43 3.33 6.06
CA TYR A 530 -20.28 2.18 5.83
C TYR A 530 -19.55 1.12 5.00
N HIS A 531 -19.96 -0.13 5.18
CA HIS A 531 -19.30 -1.25 4.50
C HIS A 531 -19.45 -1.14 2.98
N ASP A 532 -20.67 -0.91 2.51
CA ASP A 532 -20.92 -0.72 1.08
C ASP A 532 -20.72 0.75 0.75
N SER A 533 -19.73 1.05 -0.08
CA SER A 533 -19.42 2.42 -0.45
C SER A 533 -18.99 2.46 -1.91
N ALA A 534 -18.95 3.68 -2.45
CA ALA A 534 -18.52 3.86 -3.84
C ALA A 534 -17.06 3.44 -4.01
N LEU A 535 -16.23 3.70 -3.00
CA LEU A 535 -14.83 3.29 -3.06
C LEU A 535 -14.71 1.77 -3.12
N ALA A 536 -15.45 1.07 -2.26
CA ALA A 536 -15.41 -0.38 -2.26
C ALA A 536 -15.90 -0.95 -3.59
N ARG A 537 -16.96 -0.37 -4.14
CA ARG A 537 -17.45 -0.83 -5.44
C ARG A 537 -16.46 -0.54 -6.55
N PHE A 538 -15.74 0.59 -6.46
CA PHE A 538 -14.73 0.90 -7.47
C PHE A 538 -13.60 -0.13 -7.45
N LEU A 539 -13.12 -0.51 -6.27
CA LEU A 539 -12.08 -1.52 -6.17
C LEU A 539 -12.56 -2.86 -6.69
N LEU A 540 -13.75 -3.28 -6.25
CA LEU A 540 -14.36 -4.49 -6.80
C LEU A 540 -14.43 -4.45 -8.31
N LYS A 541 -14.84 -3.29 -8.86
CA LYS A 541 -14.99 -3.14 -10.30
C LYS A 541 -13.67 -3.32 -11.03
N ARG A 542 -12.64 -2.59 -10.60
CA ARG A 542 -11.36 -2.63 -11.31
C ARG A 542 -10.65 -3.96 -11.14
N GLY A 543 -10.86 -4.64 -10.00
CA GLY A 543 -10.26 -5.95 -9.81
C GLY A 543 -10.90 -7.01 -10.70
N LEU A 544 -12.21 -6.91 -10.91
CA LEU A 544 -12.90 -7.83 -11.82
C LEU A 544 -12.58 -7.52 -13.28
N ARG A 545 -12.18 -6.29 -13.59
CA ARG A 545 -11.93 -5.90 -14.97
C ARG A 545 -10.54 -6.34 -15.45
N ASN A 546 -9.58 -6.48 -14.54
CA ASN A 546 -8.20 -6.75 -14.90
C ASN A 546 -7.62 -7.77 -13.94
N LYS A 547 -7.06 -8.86 -14.49
CA LYS A 547 -6.59 -9.97 -13.65
C LYS A 547 -5.41 -9.57 -12.78
N ARG A 548 -4.55 -8.66 -13.25
CA ARG A 548 -3.42 -8.24 -12.43
C ARG A 548 -3.89 -7.38 -11.26
N ILE A 549 -4.84 -6.48 -11.50
CA ILE A 549 -5.42 -5.71 -10.41
C ILE A 549 -6.14 -6.63 -9.44
N GLY A 550 -6.93 -7.58 -9.96
CA GLY A 550 -7.63 -8.51 -9.09
C GLY A 550 -6.68 -9.35 -8.24
N HIS A 551 -5.54 -9.75 -8.81
CA HIS A 551 -4.57 -10.55 -8.08
C HIS A 551 -4.05 -9.80 -6.86
N PHE A 552 -3.59 -8.56 -7.05
CA PHE A 552 -3.09 -7.79 -5.92
C PHE A 552 -4.20 -7.36 -4.98
N LEU A 553 -5.40 -7.07 -5.53
CA LEU A 553 -6.54 -6.79 -4.67
C LEU A 553 -6.83 -7.95 -3.73
N PHE A 554 -6.69 -9.18 -4.24
CA PHE A 554 -6.88 -10.36 -3.40
C PHE A 554 -5.92 -10.35 -2.21
N TRP A 555 -4.62 -10.20 -2.48
CA TRP A 555 -3.63 -10.28 -1.41
C TRP A 555 -3.62 -9.04 -0.52
N PHE A 556 -3.99 -7.88 -1.05
CA PHE A 556 -4.09 -6.69 -0.20
C PHE A 556 -5.25 -6.81 0.78
N LEU A 557 -6.41 -7.27 0.30
CA LEU A 557 -7.54 -7.48 1.19
C LEU A 557 -7.25 -8.60 2.19
N ARG A 558 -6.69 -9.72 1.71
CA ARG A 558 -6.43 -10.85 2.59
C ARG A 558 -5.41 -10.50 3.67
N SER A 559 -4.47 -9.60 3.38
CA SER A 559 -3.49 -9.21 4.38
C SER A 559 -4.16 -8.55 5.57
N GLU A 560 -5.17 -7.70 5.32
CA GLU A 560 -5.86 -7.05 6.43
C GLU A 560 -6.81 -8.01 7.13
N ILE A 561 -7.50 -8.86 6.35
CA ILE A 561 -8.41 -9.83 6.94
C ILE A 561 -7.68 -10.73 7.93
N ALA A 562 -6.44 -11.08 7.63
CA ALA A 562 -5.70 -12.04 8.44
C ALA A 562 -5.22 -11.48 9.77
N GLN A 563 -5.24 -10.16 9.97
CA GLN A 563 -4.58 -9.62 11.16
C GLN A 563 -5.24 -8.37 11.74
N SER A 564 -6.25 -7.83 11.06
CA SER A 564 -6.92 -6.61 11.52
C SER A 564 -8.28 -6.97 12.10
N ARG A 565 -8.36 -7.03 13.43
CA ARG A 565 -9.65 -7.23 14.07
C ARG A 565 -10.59 -6.08 13.80
N HIS A 566 -10.05 -4.88 13.56
CA HIS A 566 -10.88 -3.69 13.39
C HIS A 566 -11.61 -3.69 12.05
N TYR A 567 -11.04 -4.31 11.02
CA TYR A 567 -11.62 -4.20 9.69
C TYR A 567 -11.69 -5.51 8.92
N GLN A 568 -11.45 -6.66 9.56
CA GLN A 568 -11.47 -7.91 8.83
C GLN A 568 -12.88 -8.24 8.32
N GLN A 569 -13.91 -7.87 9.08
CA GLN A 569 -15.28 -8.18 8.65
C GLN A 569 -15.64 -7.44 7.38
N ARG A 570 -15.31 -6.14 7.31
CA ARG A 570 -15.61 -5.35 6.13
C ARG A 570 -14.80 -5.83 4.93
N PHE A 571 -13.50 -6.04 5.11
CA PHE A 571 -12.66 -6.48 3.99
C PHE A 571 -13.03 -7.88 3.52
N ALA A 572 -13.52 -8.74 4.41
CA ALA A 572 -13.88 -10.10 4.01
C ALA A 572 -15.11 -10.09 3.10
N VAL A 573 -16.07 -9.20 3.36
CA VAL A 573 -17.24 -9.12 2.50
C VAL A 573 -16.85 -8.60 1.12
N ILE A 574 -15.91 -7.65 1.07
CA ILE A 574 -15.43 -7.14 -0.21
C ILE A 574 -14.67 -8.22 -0.96
N LEU A 575 -13.80 -8.97 -0.27
CA LEU A 575 -13.04 -10.03 -0.92
C LEU A 575 -13.97 -11.11 -1.46
N GLU A 576 -15.00 -11.49 -0.69
CA GLU A 576 -15.94 -12.50 -1.18
C GLU A 576 -16.65 -12.03 -2.44
N ALA A 577 -17.00 -10.74 -2.50
CA ALA A 577 -17.63 -10.20 -3.70
C ALA A 577 -16.71 -10.33 -4.90
N TYR A 578 -15.40 -10.12 -4.70
CA TYR A 578 -14.46 -10.28 -5.80
C TYR A 578 -14.32 -11.74 -6.20
N LEU A 579 -14.20 -12.64 -5.22
CA LEU A 579 -13.97 -14.05 -5.52
C LEU A 579 -15.15 -14.66 -6.27
N ARG A 580 -16.36 -14.15 -6.05
CA ARG A 580 -17.53 -14.66 -6.74
C ARG A 580 -17.65 -14.15 -8.18
N GLY A 581 -16.66 -13.41 -8.68
CA GLY A 581 -16.72 -12.91 -10.04
C GLY A 581 -15.43 -13.01 -10.81
N CYS A 582 -14.33 -13.39 -10.14
CA CYS A 582 -13.04 -13.44 -10.81
C CYS A 582 -12.92 -14.62 -11.77
N GLY A 583 -13.73 -15.65 -11.61
CA GLY A 583 -13.72 -16.76 -12.53
C GLY A 583 -13.08 -18.00 -11.93
N THR A 584 -13.44 -19.16 -12.49
CA THR A 584 -12.97 -20.45 -11.97
C THR A 584 -11.46 -20.57 -12.03
N ALA A 585 -10.84 -20.11 -13.12
CA ALA A 585 -9.40 -20.27 -13.28
C ALA A 585 -8.64 -19.50 -12.20
N MET A 586 -9.09 -18.29 -11.87
CA MET A 586 -8.43 -17.52 -10.81
C MET A 586 -8.72 -18.11 -9.44
N LEU A 587 -9.95 -18.58 -9.21
CA LEU A 587 -10.25 -19.27 -7.96
C LEU A 587 -9.32 -20.47 -7.76
N HIS A 588 -9.09 -21.24 -8.82
CA HIS A 588 -8.14 -22.35 -8.73
C HIS A 588 -6.74 -21.85 -8.42
N ASP A 589 -6.31 -20.76 -9.04
CA ASP A 589 -4.97 -20.22 -8.80
C ASP A 589 -4.82 -19.72 -7.37
N PHE A 590 -5.79 -18.97 -6.88
CA PHE A 590 -5.74 -18.49 -5.51
C PHE A 590 -5.70 -19.65 -4.52
N THR A 591 -6.43 -20.72 -4.81
CA THR A 591 -6.42 -21.89 -3.94
C THR A 591 -5.01 -22.48 -3.84
N GLN A 592 -4.32 -22.61 -4.97
CA GLN A 592 -2.96 -23.13 -4.96
C GLN A 592 -2.02 -22.21 -4.19
N GLN A 593 -2.18 -20.89 -4.34
CA GLN A 593 -1.32 -19.95 -3.64
C GLN A 593 -1.58 -19.98 -2.13
N VAL A 594 -2.86 -20.02 -1.74
CA VAL A 594 -3.19 -20.00 -0.31
C VAL A 594 -2.67 -21.24 0.38
N GLN A 595 -2.84 -22.41 -0.25
CA GLN A 595 -2.36 -23.65 0.36
C GLN A 595 -0.85 -23.64 0.53
N VAL A 596 -0.13 -23.03 -0.41
CA VAL A 596 1.33 -22.99 -0.31
C VAL A 596 1.77 -22.04 0.80
N ILE A 597 1.23 -20.82 0.79
CA ILE A 597 1.70 -19.83 1.77
C ILE A 597 1.29 -20.22 3.18
N GLU A 598 0.15 -20.90 3.34
CA GLU A 598 -0.26 -21.32 4.68
C GLU A 598 0.61 -22.46 5.19
N MET A 599 1.02 -23.37 4.29
CA MET A 599 1.95 -24.43 4.69
C MET A 599 3.32 -23.85 5.05
N LEU A 600 3.80 -22.87 4.27
CA LEU A 600 5.09 -22.26 4.55
C LEU A 600 5.03 -21.35 5.76
N GLN A 601 3.89 -20.69 5.99
CA GLN A 601 3.69 -19.93 7.23
C GLN A 601 3.88 -20.82 8.44
N LYS A 602 3.29 -22.01 8.42
CA LYS A 602 3.42 -22.94 9.54
C LYS A 602 4.87 -23.34 9.75
N VAL A 603 5.60 -23.61 8.67
CA VAL A 603 7.01 -23.97 8.79
C VAL A 603 7.80 -22.79 9.34
N THR A 604 7.47 -21.57 8.91
CA THR A 604 8.17 -20.39 9.40
C THR A 604 8.01 -20.23 10.90
N LEU A 605 6.78 -20.35 11.40
CA LEU A 605 6.54 -20.24 12.84
C LEU A 605 7.17 -21.38 13.61
N ASP A 606 7.20 -22.59 13.03
CA ASP A 606 7.80 -23.73 13.72
C ASP A 606 9.31 -23.58 13.81
N ILE A 607 9.95 -23.06 12.77
CA ILE A 607 11.41 -22.89 12.81
C ILE A 607 11.80 -21.82 13.83
N LYS A 608 11.05 -20.72 13.89
CA LYS A 608 11.45 -19.62 14.77
C LYS A 608 11.34 -20.01 16.23
N SER A 609 10.33 -20.82 16.58
CA SER A 609 10.24 -21.32 17.95
C SER A 609 11.32 -22.36 18.25
N LEU A 610 11.90 -22.97 17.22
CA LEU A 610 13.00 -23.91 17.41
C LEU A 610 14.34 -23.22 17.64
N SER A 611 14.43 -21.92 17.38
CA SER A 611 15.66 -21.17 17.57
C SER A 611 15.36 -19.94 18.41
N ALA A 612 16.38 -19.10 18.59
CA ALA A 612 16.24 -17.88 19.36
C ALA A 612 17.02 -16.76 18.69
N GLU A 613 16.46 -15.56 18.74
CA GLU A 613 17.16 -14.38 18.24
C GLU A 613 18.52 -14.22 18.93
N LYS A 614 18.56 -14.45 20.25
CA LYS A 614 19.76 -14.23 21.04
C LYS A 614 20.95 -15.08 20.58
N TYR A 615 20.72 -16.14 19.80
CA TYR A 615 21.75 -17.09 19.44
C TYR A 615 21.82 -17.25 17.92
N ASP A 616 22.83 -18.00 17.48
CA ASP A 616 23.14 -18.17 16.07
C ASP A 616 22.38 -19.36 15.47
N VAL A 617 22.43 -19.44 14.15
CA VAL A 617 21.78 -20.52 13.41
C VAL A 617 22.70 -21.74 13.42
N SER A 618 22.19 -22.85 13.94
CA SER A 618 22.94 -24.10 14.00
C SER A 618 22.57 -25.00 12.82
N SER A 619 23.43 -25.97 12.55
CA SER A 619 23.08 -27.03 11.62
C SER A 619 21.85 -27.80 12.09
N GLN A 620 21.59 -27.78 13.39
CA GLN A 620 20.38 -28.43 13.92
C GLN A 620 19.12 -27.75 13.40
N VAL A 621 19.07 -26.42 13.48
CA VAL A 621 17.89 -25.69 13.03
C VAL A 621 17.71 -25.85 11.52
N ILE A 622 18.81 -25.83 10.77
CA ILE A 622 18.74 -26.01 9.33
C ILE A 622 18.24 -27.42 8.99
N SER A 623 18.71 -28.42 9.75
CA SER A 623 18.26 -29.79 9.54
C SER A 623 16.77 -29.93 9.83
N GLN A 624 16.28 -29.23 10.86
CA GLN A 624 14.85 -29.23 11.12
C GLN A 624 14.06 -28.65 9.94
N LEU A 625 14.58 -27.58 9.34
CA LEU A 625 13.90 -26.96 8.21
C LEU A 625 13.81 -27.92 7.02
N LYS A 626 14.94 -28.53 6.65
CA LYS A 626 14.95 -29.42 5.49
C LYS A 626 14.01 -30.60 5.69
N GLN A 627 13.95 -31.14 6.91
CA GLN A 627 13.03 -32.24 7.19
C GLN A 627 11.58 -31.81 7.03
N LYS A 628 11.25 -30.59 7.48
CA LYS A 628 9.88 -30.11 7.36
C LYS A 628 9.50 -29.84 5.91
N LEU A 629 10.42 -29.23 5.14
CA LEU A 629 10.17 -29.04 3.72
C LEU A 629 10.09 -30.38 2.99
N GLU A 630 10.87 -31.37 3.43
CA GLU A 630 10.82 -32.69 2.83
C GLU A 630 9.46 -33.33 3.03
N ASN A 631 8.84 -33.11 4.19
CA ASN A 631 7.51 -33.65 4.44
C ASN A 631 6.45 -32.94 3.61
N LEU A 632 6.60 -31.63 3.43
CA LEU A 632 5.63 -30.89 2.61
C LEU A 632 5.73 -31.29 1.14
N GLN A 633 6.96 -31.36 0.61
CA GLN A 633 7.17 -31.64 -0.81
C GLN A 633 6.48 -32.94 -1.22
N ASN A 634 6.73 -34.01 -0.48
CA ASN A 634 6.10 -35.32 -0.72
C ASN A 634 5.72 -35.89 0.64
N SER A 635 4.48 -35.64 1.08
CA SER A 635 3.47 -34.90 0.32
C SER A 635 2.65 -34.08 1.34
N GLN A 636 1.89 -33.07 0.90
CA GLN A 636 1.67 -32.70 -0.49
C GLN A 636 1.74 -31.19 -0.72
N LEU A 637 2.70 -30.78 -1.54
CA LEU A 637 2.78 -29.40 -2.00
C LEU A 637 2.24 -29.31 -3.43
N PRO A 638 1.44 -28.29 -3.73
CA PRO A 638 0.89 -28.16 -5.09
C PRO A 638 1.99 -28.17 -6.14
N GLU A 639 1.67 -28.72 -7.31
CA GLU A 639 2.66 -28.88 -8.36
C GLU A 639 3.30 -27.55 -8.73
N SER A 640 2.52 -26.47 -8.73
CA SER A 640 3.04 -25.14 -9.01
C SER A 640 2.07 -24.11 -8.43
N PHE A 641 2.53 -22.87 -8.37
CA PHE A 641 1.71 -21.78 -7.87
C PHE A 641 2.25 -20.47 -8.40
N ARG A 642 1.36 -19.49 -8.56
CA ARG A 642 1.79 -18.16 -8.93
C ARG A 642 2.46 -17.46 -7.75
N VAL A 643 3.56 -16.78 -8.03
CA VAL A 643 4.26 -16.01 -7.01
C VAL A 643 3.38 -14.81 -6.64
N PRO A 644 2.96 -14.68 -5.38
CA PRO A 644 1.99 -13.62 -5.04
C PRO A 644 2.47 -12.21 -5.36
N TYR A 645 3.75 -11.91 -5.14
CA TYR A 645 4.26 -10.58 -5.47
C TYR A 645 4.60 -10.42 -6.94
N ASP A 646 4.64 -11.50 -7.70
CA ASP A 646 4.99 -11.47 -9.12
C ASP A 646 4.11 -12.47 -9.85
N PRO A 647 2.84 -12.10 -10.11
CA PRO A 647 1.89 -13.09 -10.64
C PRO A 647 2.22 -13.60 -12.02
N GLY A 648 3.11 -12.92 -12.76
CA GLY A 648 3.57 -13.45 -14.03
C GLY A 648 4.50 -14.64 -13.89
N LEU A 649 5.06 -14.86 -12.70
CA LEU A 649 5.99 -15.96 -12.46
C LEU A 649 5.26 -17.13 -11.81
N LYS A 650 5.56 -18.32 -12.30
CA LYS A 650 5.03 -19.57 -11.74
C LYS A 650 6.18 -20.34 -11.11
N ALA A 651 6.07 -20.60 -9.80
CA ALA A 651 7.08 -21.36 -9.09
C ALA A 651 6.69 -22.83 -9.05
N GLY A 652 7.69 -23.69 -9.13
CA GLY A 652 7.46 -25.13 -9.11
C GLY A 652 7.86 -25.78 -7.80
N ALA A 653 8.64 -26.85 -7.90
CA ALA A 653 9.04 -27.61 -6.73
C ALA A 653 10.11 -26.89 -5.93
N LEU A 654 10.14 -27.17 -4.63
CA LEU A 654 11.19 -26.62 -3.78
C LEU A 654 12.55 -27.22 -4.12
N ALA A 655 13.57 -26.37 -4.16
CA ALA A 655 14.95 -26.83 -4.25
C ALA A 655 15.50 -26.88 -2.83
N ILE A 656 15.16 -27.96 -2.13
CA ILE A 656 15.39 -28.05 -0.69
C ILE A 656 16.87 -27.93 -0.36
N GLU A 657 17.74 -28.41 -1.25
CA GLU A 657 19.18 -28.31 -0.99
C GLU A 657 19.65 -26.86 -0.88
N LYS A 658 18.94 -25.94 -1.53
CA LYS A 658 19.28 -24.52 -1.47
C LYS A 658 18.49 -23.76 -0.40
N CYS A 659 17.56 -24.42 0.27
CA CYS A 659 16.78 -23.78 1.32
C CYS A 659 17.54 -23.83 2.65
N THR A 660 17.41 -22.77 3.44
CA THR A 660 18.12 -22.66 4.70
C THR A 660 17.42 -21.65 5.59
N VAL A 661 17.98 -21.45 6.78
CA VAL A 661 17.52 -20.44 7.73
C VAL A 661 18.56 -19.34 7.78
N MET A 662 18.13 -18.10 7.57
CA MET A 662 19.04 -16.97 7.56
C MET A 662 19.56 -16.67 8.96
N ALA A 663 20.78 -16.16 9.02
CA ALA A 663 21.46 -15.89 10.29
C ALA A 663 20.98 -14.60 10.96
N SER A 664 19.88 -14.03 10.51
CA SER A 664 19.34 -12.82 11.12
C SER A 664 18.71 -13.15 12.46
N LYS A 665 18.39 -12.10 13.23
CA LYS A 665 17.76 -12.28 14.53
C LYS A 665 16.38 -12.92 14.40
N LYS A 666 15.62 -12.54 13.37
CA LYS A 666 14.27 -13.06 13.20
C LYS A 666 14.25 -14.48 12.68
N LYS A 667 15.40 -15.04 12.31
CA LYS A 667 15.51 -16.39 11.75
C LYS A 667 14.52 -16.64 10.60
N PRO A 668 14.54 -15.81 9.55
CA PRO A 668 13.60 -16.01 8.45
C PRO A 668 14.05 -17.14 7.53
N LEU A 669 13.08 -17.69 6.81
CA LEU A 669 13.34 -18.79 5.90
C LEU A 669 13.83 -18.28 4.55
N TRP A 670 14.86 -18.93 4.02
CA TRP A 670 15.40 -18.65 2.70
C TRP A 670 15.01 -19.82 1.81
N LEU A 671 13.96 -19.65 1.01
CA LEU A 671 13.43 -20.70 0.17
C LEU A 671 13.72 -20.41 -1.30
N GLU A 672 13.96 -21.47 -2.07
CA GLU A 672 14.20 -21.36 -3.50
C GLU A 672 13.39 -22.42 -4.22
N PHE A 673 12.69 -22.01 -5.28
CA PHE A 673 11.83 -22.88 -6.07
C PHE A 673 12.34 -22.94 -7.50
N LYS A 674 12.22 -24.10 -8.12
CA LYS A 674 12.45 -24.20 -9.56
C LYS A 674 11.34 -23.47 -10.30
N CYS A 675 11.67 -22.99 -11.50
CA CYS A 675 10.66 -22.31 -12.32
C CYS A 675 9.84 -23.34 -13.07
N ALA A 676 8.52 -23.21 -12.99
CA ALA A 676 7.59 -24.17 -13.57
C ALA A 676 7.27 -23.88 -15.03
N ASP A 677 7.96 -22.93 -15.66
CA ASP A 677 7.73 -22.61 -17.07
C ASP A 677 8.91 -23.09 -17.88
N PRO A 678 8.76 -24.13 -18.70
CA PRO A 678 9.91 -24.64 -19.48
C PRO A 678 10.39 -23.67 -20.54
N THR A 679 9.57 -22.72 -20.98
CA THR A 679 9.99 -21.74 -21.96
C THR A 679 10.87 -20.64 -21.37
N ALA A 680 11.21 -20.72 -20.09
CA ALA A 680 12.08 -19.74 -19.47
C ALA A 680 13.48 -19.80 -20.08
N LEU A 681 14.15 -18.66 -20.07
CA LEU A 681 15.48 -18.57 -20.65
C LEU A 681 16.53 -19.21 -19.74
N SER A 682 16.51 -18.88 -18.46
CA SER A 682 17.52 -19.32 -17.51
C SER A 682 16.95 -20.39 -16.58
N ASN A 683 17.84 -21.25 -16.08
CA ASN A 683 17.48 -22.21 -15.05
C ASN A 683 17.43 -21.59 -13.66
N GLU A 684 17.41 -20.26 -13.57
CA GLU A 684 17.41 -19.58 -12.28
C GLU A 684 16.23 -20.03 -11.43
N THR A 685 16.47 -20.14 -10.13
CA THR A 685 15.41 -20.46 -9.19
C THR A 685 14.65 -19.19 -8.80
N ILE A 686 13.47 -19.39 -8.25
CA ILE A 686 12.65 -18.31 -7.70
C ILE A 686 12.88 -18.28 -6.20
N GLY A 687 13.47 -17.19 -5.71
CA GLY A 687 13.82 -17.06 -4.31
C GLY A 687 12.76 -16.28 -3.54
N ILE A 688 12.35 -16.85 -2.41
CA ILE A 688 11.32 -16.24 -1.56
C ILE A 688 11.78 -16.31 -0.11
N ILE A 689 11.70 -15.19 0.60
CA ILE A 689 12.01 -15.12 2.02
C ILE A 689 10.69 -15.07 2.79
N PHE A 690 10.52 -16.01 3.72
CA PHE A 690 9.40 -16.00 4.65
C PHE A 690 9.93 -15.57 6.02
N LYS A 691 9.39 -14.47 6.55
CA LYS A 691 9.93 -13.87 7.77
C LYS A 691 8.85 -13.64 8.81
N HIS A 692 9.16 -14.02 10.05
CA HIS A 692 8.45 -13.61 11.25
C HIS A 692 9.51 -13.17 12.26
N GLY A 693 9.25 -12.08 12.98
CA GLY A 693 8.02 -11.34 12.89
C GLY A 693 8.14 -9.83 12.92
N ASP A 694 8.12 -9.23 11.73
CA ASP A 694 8.02 -7.79 11.57
C ASP A 694 6.72 -7.48 10.84
N ASP A 695 6.20 -6.28 11.07
CA ASP A 695 4.97 -5.84 10.41
C ASP A 695 5.31 -5.50 8.97
N LEU A 696 5.17 -6.48 8.09
CA LEU A 696 5.47 -6.29 6.67
C LEU A 696 4.49 -5.37 5.97
N ARG A 697 3.36 -5.05 6.60
CA ARG A 697 2.45 -4.06 6.03
C ARG A 697 3.12 -2.69 5.92
N GLN A 698 4.04 -2.39 6.84
CA GLN A 698 4.81 -1.15 6.73
C GLN A 698 5.79 -1.22 5.55
N ASP A 699 6.36 -2.41 5.30
CA ASP A 699 7.22 -2.57 4.14
C ASP A 699 6.43 -2.40 2.84
N MET A 700 5.23 -2.91 2.83
CA MET A 700 4.38 -2.80 1.68
C MET A 700 4.11 -1.35 1.34
N LEU A 701 3.72 -0.57 2.33
CA LEU A 701 3.41 0.84 2.15
C LEU A 701 4.61 1.61 1.63
N ILE A 702 5.78 1.39 2.23
CA ILE A 702 6.99 2.10 1.81
C ILE A 702 7.34 1.75 0.38
N LEU A 703 7.40 0.46 0.05
CA LEU A 703 7.76 0.04 -1.30
C LEU A 703 6.79 0.58 -2.34
N GLN A 704 5.51 0.71 -1.98
CA GLN A 704 4.54 1.24 -2.93
C GLN A 704 4.77 2.73 -3.17
N ILE A 705 5.06 3.48 -2.10
CA ILE A 705 5.40 4.89 -2.27
C ILE A 705 6.67 5.04 -3.11
N LEU A 706 7.61 4.11 -2.95
CA LEU A 706 8.81 4.12 -3.78
C LEU A 706 8.46 3.99 -5.25
N ARG A 707 7.54 3.08 -5.58
CA ARG A 707 7.10 2.95 -6.97
C ARG A 707 6.37 4.20 -7.44
N ILE A 708 5.65 4.87 -6.55
CA ILE A 708 4.98 6.11 -6.91
C ILE A 708 6.01 7.19 -7.23
N MET A 709 7.08 7.26 -6.44
CA MET A 709 8.16 8.21 -6.71
C MET A 709 8.83 7.90 -8.05
N GLU A 710 8.91 6.62 -8.43
CA GLU A 710 9.45 6.26 -9.73
C GLU A 710 8.60 6.84 -10.85
N SER A 711 7.27 6.72 -10.73
CA SER A 711 6.39 7.26 -11.76
C SER A 711 6.46 8.77 -11.81
N ILE A 712 6.59 9.42 -10.65
CA ILE A 712 6.78 10.87 -10.61
C ILE A 712 8.04 11.26 -11.39
N TRP A 713 9.15 10.60 -11.08
CA TRP A 713 10.40 10.90 -11.78
C TRP A 713 10.33 10.55 -13.25
N GLU A 714 9.52 9.55 -13.62
CA GLU A 714 9.38 9.19 -15.02
C GLU A 714 8.74 10.32 -15.81
N THR A 715 7.74 10.99 -15.24
CA THR A 715 7.07 12.09 -15.95
C THR A 715 8.02 13.26 -16.18
N GLU A 716 9.15 13.30 -15.49
CA GLU A 716 10.15 14.34 -15.69
C GLU A 716 11.40 13.78 -16.38
N SER A 717 11.29 12.61 -16.99
CA SER A 717 12.40 11.97 -17.71
C SER A 717 13.59 11.73 -16.80
N LEU A 718 13.32 11.34 -15.56
CA LEU A 718 14.36 11.05 -14.57
C LEU A 718 14.26 9.58 -14.18
N ASP A 719 15.37 8.86 -14.32
CA ASP A 719 15.48 7.46 -13.88
C ASP A 719 16.45 7.43 -12.72
N LEU A 720 15.95 7.08 -11.54
CA LEU A 720 16.75 7.06 -10.32
C LEU A 720 17.17 5.66 -9.90
N CYS A 721 16.78 4.64 -10.66
CA CYS A 721 17.27 3.27 -10.47
C CYS A 721 16.91 2.73 -9.08
N LEU A 722 15.69 2.99 -8.64
CA LEU A 722 15.19 2.36 -7.42
C LEU A 722 14.97 0.87 -7.66
N LEU A 723 14.85 0.12 -6.58
CA LEU A 723 14.61 -1.32 -6.64
C LEU A 723 13.52 -1.70 -5.63
N PRO A 724 12.26 -1.39 -5.94
CA PRO A 724 11.17 -1.79 -5.04
C PRO A 724 10.81 -3.25 -5.21
N TYR A 725 11.49 -4.12 -4.47
CA TYR A 725 11.28 -5.56 -4.55
C TYR A 725 9.89 -5.94 -4.04
N GLY A 726 9.49 -7.16 -4.36
CA GLY A 726 8.17 -7.64 -3.95
C GLY A 726 8.11 -7.97 -2.47
N CYS A 727 6.95 -7.69 -1.88
CA CYS A 727 6.73 -7.95 -0.45
C CYS A 727 5.24 -7.93 -0.18
N ILE A 728 4.74 -8.98 0.48
CA ILE A 728 3.32 -9.11 0.79
C ILE A 728 3.18 -9.63 2.21
N SER A 729 2.53 -8.85 3.07
CA SER A 729 2.17 -9.35 4.38
C SER A 729 1.05 -10.36 4.26
N THR A 730 1.19 -11.49 4.96
CA THR A 730 0.20 -12.56 4.89
C THR A 730 -0.47 -12.85 6.23
N GLY A 731 -0.05 -12.18 7.30
CA GLY A 731 -0.66 -12.39 8.59
C GLY A 731 -0.02 -11.51 9.63
N ASP A 732 -0.32 -11.80 10.89
CA ASP A 732 0.23 -11.03 12.01
C ASP A 732 1.74 -11.18 12.09
N LYS A 733 2.46 -10.11 11.72
CA LYS A 733 3.93 -10.09 11.75
C LYS A 733 4.54 -11.17 10.86
N ILE A 734 3.90 -11.54 9.76
CA ILE A 734 4.43 -12.59 8.92
C ILE A 734 4.07 -12.30 7.46
N GLY A 735 4.98 -12.66 6.56
CA GLY A 735 4.75 -12.44 5.15
C GLY A 735 5.93 -12.95 4.34
N MET A 736 5.94 -12.58 3.06
CA MET A 736 6.95 -13.04 2.13
C MET A 736 7.64 -11.85 1.47
N ILE A 737 8.89 -12.07 1.08
CA ILE A 737 9.74 -11.03 0.48
C ILE A 737 10.43 -11.63 -0.74
N GLU A 738 10.54 -10.83 -1.80
CA GLU A 738 11.24 -11.25 -3.00
C GLU A 738 12.75 -11.27 -2.77
N ILE A 739 13.40 -12.35 -3.19
CA ILE A 739 14.85 -12.45 -3.13
C ILE A 739 15.44 -11.80 -4.38
N VAL A 740 16.19 -10.73 -4.18
CA VAL A 740 16.91 -10.08 -5.28
C VAL A 740 18.22 -10.82 -5.47
N LYS A 741 18.45 -11.34 -6.68
CA LYS A 741 19.64 -12.13 -6.94
C LYS A 741 20.89 -11.26 -6.97
N ASP A 742 22.03 -11.87 -6.64
CA ASP A 742 23.33 -11.22 -6.69
C ASP A 742 23.36 -9.93 -5.87
N ALA A 743 22.83 -10.01 -4.67
CA ALA A 743 22.77 -8.87 -3.80
C ALA A 743 23.23 -9.23 -2.42
N THR A 744 23.85 -8.29 -1.76
CA THR A 744 24.30 -8.46 -0.42
C THR A 744 24.11 -7.16 0.38
N THR A 745 24.15 -7.23 1.69
CA THR A 745 24.01 -6.05 2.49
C THR A 745 25.31 -5.29 2.62
N ILE A 746 25.23 -4.00 2.83
CA ILE A 746 26.45 -3.20 2.96
C ILE A 746 27.20 -3.60 4.23
N ALA A 747 26.48 -4.03 5.27
CA ALA A 747 27.14 -4.48 6.49
C ALA A 747 27.92 -5.77 6.26
N LYS A 748 27.37 -6.69 5.44
CA LYS A 748 28.09 -7.94 5.17
C LYS A 748 29.36 -7.70 4.36
N ILE A 749 29.35 -6.71 3.47
CA ILE A 749 30.56 -6.37 2.72
C ILE A 749 31.63 -5.84 3.67
N GLN A 750 31.24 -4.99 4.62
CA GLN A 750 32.18 -4.51 5.62
C GLN A 750 32.74 -5.67 6.44
N GLN A 751 31.86 -6.53 6.95
CA GLN A 751 32.32 -7.61 7.82
C GLN A 751 33.07 -8.70 7.07
N SER A 752 32.94 -8.76 5.74
CA SER A 752 33.74 -9.72 4.98
C SER A 752 35.22 -9.42 5.08
N THR A 753 35.59 -8.18 5.41
CA THR A 753 36.97 -7.74 5.52
C THR A 753 37.43 -7.64 6.97
N VAL A 754 36.57 -7.16 7.87
CA VAL A 754 36.96 -6.86 9.24
C VAL A 754 36.09 -7.55 10.29
N GLY A 755 34.89 -8.02 9.97
CA GLY A 755 34.28 -9.08 10.74
C GLY A 755 33.71 -8.81 12.11
N ASN A 756 32.43 -8.46 12.16
CA ASN A 756 31.67 -8.29 13.40
C ASN A 756 32.06 -7.05 14.18
N THR A 757 32.71 -6.10 13.51
CA THR A 757 32.79 -4.70 13.92
C THR A 757 32.29 -3.88 12.72
N GLY A 758 31.99 -2.59 12.91
CA GLY A 758 32.28 -1.78 14.06
C GLY A 758 33.29 -0.74 13.63
N ALA A 759 34.43 -1.22 13.14
CA ALA A 759 35.49 -0.37 12.59
C ALA A 759 35.41 -0.46 11.07
N PHE A 760 34.45 0.29 10.51
CA PHE A 760 34.20 0.24 9.08
C PHE A 760 35.36 0.86 8.30
N LYS A 761 35.58 0.35 7.09
CA LYS A 761 36.64 0.84 6.22
C LYS A 761 36.04 1.45 4.95
N ASP A 762 36.76 2.42 4.39
CA ASP A 762 36.20 3.23 3.31
C ASP A 762 36.24 2.51 1.96
N GLU A 763 37.29 1.73 1.71
CA GLU A 763 37.56 1.21 0.37
C GLU A 763 36.90 -0.14 0.09
N VAL A 764 36.23 -0.74 1.07
CA VAL A 764 35.78 -2.12 0.92
C VAL A 764 34.66 -2.22 -0.12
N LEU A 765 33.78 -1.21 -0.19
CA LEU A 765 32.66 -1.28 -1.12
C LEU A 765 33.15 -1.22 -2.57
N ASN A 766 34.06 -0.29 -2.87
CA ASN A 766 34.58 -0.21 -4.23
C ASN A 766 35.33 -1.48 -4.61
N HIS A 767 36.11 -2.03 -3.67
CA HIS A 767 36.80 -3.30 -3.92
C HIS A 767 35.82 -4.41 -4.22
N TRP A 768 34.70 -4.45 -3.50
CA TRP A 768 33.68 -5.47 -3.72
C TRP A 768 33.05 -5.35 -5.11
N LEU A 769 32.70 -4.12 -5.51
CA LEU A 769 32.10 -3.92 -6.82
C LEU A 769 33.06 -4.30 -7.94
N LYS A 770 34.34 -3.98 -7.78
CA LYS A 770 35.31 -4.32 -8.82
C LYS A 770 35.53 -5.83 -8.89
N GLU A 771 35.54 -6.49 -7.74
CA GLU A 771 35.70 -7.96 -7.72
C GLU A 771 34.51 -8.64 -8.39
N LYS A 772 33.30 -8.16 -8.11
CA LYS A 772 32.10 -8.77 -8.67
C LYS A 772 31.84 -8.39 -10.12
N SER A 773 32.57 -7.42 -10.66
CA SER A 773 32.33 -6.97 -12.03
C SER A 773 33.05 -7.90 -13.01
N PRO A 774 32.35 -8.49 -13.98
CA PRO A 774 33.04 -9.39 -14.91
C PRO A 774 34.04 -8.69 -15.80
N THR A 775 33.73 -7.48 -16.27
CA THR A 775 34.63 -6.71 -17.11
C THR A 775 34.79 -5.32 -16.52
N GLU A 776 35.78 -4.58 -17.04
CA GLU A 776 35.94 -3.18 -16.65
C GLU A 776 34.78 -2.34 -17.14
N GLU A 777 34.26 -2.65 -18.32
CA GLU A 777 33.10 -1.93 -18.84
C GLU A 777 31.89 -2.14 -17.95
N LYS A 778 31.67 -3.36 -17.48
CA LYS A 778 30.58 -3.60 -16.54
C LYS A 778 30.83 -2.94 -15.19
N PHE A 779 32.10 -2.80 -14.80
CA PHE A 779 32.41 -2.13 -13.54
C PHE A 779 32.05 -0.65 -13.61
N GLN A 780 32.44 0.03 -14.69
CA GLN A 780 32.11 1.44 -14.84
C GLN A 780 30.60 1.64 -14.92
N ALA A 781 29.89 0.69 -15.53
CA ALA A 781 28.43 0.77 -15.54
C ALA A 781 27.86 0.57 -14.14
N ALA A 782 28.51 -0.25 -13.32
CA ALA A 782 28.03 -0.46 -11.95
C ALA A 782 28.23 0.80 -11.11
N VAL A 783 29.36 1.48 -11.28
CA VAL A 783 29.59 2.73 -10.55
C VAL A 783 28.56 3.78 -10.97
N GLU A 784 28.26 3.85 -12.27
CA GLU A 784 27.23 4.77 -12.75
C GLU A 784 25.88 4.43 -12.14
N ARG A 785 25.53 3.14 -12.10
CA ARG A 785 24.27 2.72 -11.50
C ARG A 785 24.27 3.00 -10.00
N PHE A 786 25.43 2.88 -9.34
CA PHE A 786 25.51 3.20 -7.93
C PHE A 786 25.23 4.67 -7.67
N VAL A 787 25.78 5.55 -8.52
CA VAL A 787 25.57 6.99 -8.33
C VAL A 787 24.09 7.33 -8.42
N TYR A 788 23.41 6.79 -9.43
CA TYR A 788 21.99 7.09 -9.61
C TYR A 788 21.15 6.49 -8.48
N SER A 789 21.35 5.21 -8.18
CA SER A 789 20.53 4.55 -7.17
C SER A 789 20.80 5.10 -5.78
N CYS A 790 22.05 5.47 -5.48
CA CYS A 790 22.33 6.09 -4.19
C CYS A 790 21.66 7.45 -4.07
N ALA A 791 21.61 8.20 -5.17
CA ALA A 791 20.91 9.48 -5.15
C ALA A 791 19.40 9.28 -5.04
N GLY A 792 18.86 8.31 -5.78
CA GLY A 792 17.43 8.05 -5.70
C GLY A 792 17.00 7.67 -4.30
N TYR A 793 17.78 6.82 -3.62
CA TYR A 793 17.38 6.40 -2.28
C TYR A 793 17.65 7.49 -1.24
N CYS A 794 18.73 8.26 -1.39
CA CYS A 794 18.95 9.37 -0.48
C CYS A 794 17.80 10.36 -0.50
N VAL A 795 17.30 10.70 -1.69
CA VAL A 795 16.19 11.63 -1.79
C VAL A 795 14.90 10.99 -1.28
N ALA A 796 14.62 9.75 -1.71
CA ALA A 796 13.37 9.09 -1.36
C ALA A 796 13.27 8.87 0.14
N THR A 797 14.33 8.34 0.75
CA THR A 797 14.31 8.06 2.18
C THR A 797 14.32 9.32 3.02
N PHE A 798 14.85 10.43 2.50
CA PHE A 798 14.85 11.69 3.25
C PHE A 798 13.44 12.27 3.33
N VAL A 799 12.70 12.23 2.21
CA VAL A 799 11.34 12.76 2.21
C VAL A 799 10.45 11.97 3.16
N LEU A 800 10.61 10.64 3.18
CA LEU A 800 9.79 9.77 4.01
C LEU A 800 10.26 9.70 5.46
N GLY A 801 11.33 10.40 5.81
CA GLY A 801 11.81 10.40 7.19
C GLY A 801 12.36 9.09 7.69
N ILE A 802 12.85 8.24 6.80
CA ILE A 802 13.40 6.94 7.20
C ILE A 802 14.84 6.85 6.71
N GLY A 803 15.51 8.00 6.64
CA GLY A 803 16.85 8.06 6.09
C GLY A 803 17.93 7.57 7.04
N ASP A 804 17.77 7.86 8.33
CA ASP A 804 18.76 7.43 9.32
C ASP A 804 18.67 5.92 9.54
N ARG A 805 19.48 5.16 8.79
CA ARG A 805 19.36 3.70 8.76
C ARG A 805 20.69 3.04 9.12
N HIS A 806 20.58 1.89 9.77
CA HIS A 806 21.73 1.01 9.97
C HIS A 806 22.07 0.33 8.65
N ASN A 807 23.36 0.29 8.29
CA ASN A 807 23.75 -0.22 6.97
C ASN A 807 23.53 -1.73 6.83
N ASP A 808 23.09 -2.41 7.88
CA ASP A 808 22.63 -3.79 7.71
C ASP A 808 21.30 -3.83 6.95
N ASN A 809 20.60 -2.71 6.87
CA ASN A 809 19.33 -2.61 6.16
C ASN A 809 19.46 -1.95 4.79
N ILE A 810 20.70 -1.84 4.29
CA ILE A 810 20.97 -1.33 2.96
C ILE A 810 21.68 -2.42 2.17
N MET A 811 21.23 -2.66 0.95
CA MET A 811 21.79 -3.70 0.11
C MET A 811 22.33 -3.11 -1.18
N ILE A 812 23.11 -3.92 -1.89
CA ILE A 812 23.65 -3.54 -3.18
C ILE A 812 23.74 -4.78 -4.06
N THR A 813 23.36 -4.62 -5.31
CA THR A 813 23.51 -5.72 -6.26
C THR A 813 24.93 -5.73 -6.80
N GLU A 814 25.34 -6.88 -7.33
CA GLU A 814 26.65 -6.98 -7.95
C GLU A 814 26.77 -6.12 -9.19
N THR A 815 25.64 -5.70 -9.78
CA THR A 815 25.64 -4.75 -10.89
C THR A 815 25.54 -3.31 -10.41
N GLY A 816 25.70 -3.06 -9.12
CA GLY A 816 25.85 -1.72 -8.60
C GLY A 816 24.59 -1.02 -8.14
N ASN A 817 23.47 -1.73 -8.02
CA ASN A 817 22.21 -1.09 -7.66
C ASN A 817 22.05 -1.10 -6.14
N LEU A 818 22.11 0.09 -5.54
CA LEU A 818 21.83 0.23 -4.11
C LEU A 818 20.33 0.23 -3.86
N PHE A 819 19.90 -0.38 -2.76
CA PHE A 819 18.50 -0.33 -2.38
C PHE A 819 18.35 -0.66 -0.90
N HIS A 820 17.35 -0.03 -0.27
CA HIS A 820 17.06 -0.21 1.15
C HIS A 820 16.08 -1.37 1.35
N ILE A 821 16.15 -1.99 2.53
CA ILE A 821 15.31 -3.12 2.89
C ILE A 821 14.84 -2.96 4.33
N ASP A 822 13.91 -3.83 4.73
CA ASP A 822 13.52 -4.02 6.13
C ASP A 822 12.97 -2.74 6.75
N PHE A 823 11.84 -2.28 6.21
CA PHE A 823 11.23 -1.04 6.67
C PHE A 823 10.29 -1.24 7.84
N GLY A 824 10.01 -2.48 8.24
CA GLY A 824 9.15 -2.73 9.39
C GLY A 824 9.83 -2.43 10.70
N HIS A 825 10.30 -1.18 10.86
CA HIS A 825 11.01 -0.77 12.06
C HIS A 825 10.55 0.59 12.53
N ILE A 826 10.77 1.62 11.71
CA ILE A 826 10.50 2.99 12.10
C ILE A 826 9.43 3.60 11.19
N GLU A 839 23.30 11.43 17.96
CA GLU A 839 23.47 12.17 16.72
C GLU A 839 22.64 11.54 15.60
N ARG A 840 22.43 12.30 14.53
CA ARG A 840 21.54 11.86 13.46
C ARG A 840 22.09 12.28 12.10
N VAL A 841 21.57 11.64 11.06
CA VAL A 841 21.87 12.02 9.68
C VAL A 841 20.58 12.01 8.88
N PRO A 842 20.50 12.87 7.86
CA PRO A 842 19.28 12.88 7.03
C PRO A 842 19.12 11.62 6.19
N PHE A 843 20.21 11.02 5.75
CA PHE A 843 20.19 9.77 5.00
C PHE A 843 21.57 9.14 5.13
N VAL A 844 21.76 7.99 4.49
CA VAL A 844 23.01 7.25 4.59
C VAL A 844 23.88 7.61 3.38
N LEU A 845 24.95 8.36 3.65
CA LEU A 845 25.96 8.71 2.65
C LEU A 845 27.32 8.65 3.36
N THR A 846 27.76 7.43 3.62
CA THR A 846 28.92 7.16 4.46
C THR A 846 30.19 7.15 3.61
N PRO A 847 31.37 7.21 4.24
CA PRO A 847 32.62 7.27 3.47
C PRO A 847 32.81 6.15 2.45
N ASP A 848 32.21 4.97 2.68
CA ASP A 848 32.35 3.90 1.70
C ASP A 848 31.58 4.22 0.42
N PHE A 849 30.42 4.87 0.55
CA PHE A 849 29.67 5.29 -0.64
C PHE A 849 30.44 6.35 -1.40
N LEU A 850 30.97 7.36 -0.68
CA LEU A 850 31.70 8.44 -1.32
C LEU A 850 32.97 7.93 -2.00
N PHE A 851 33.58 6.86 -1.47
CA PHE A 851 34.80 6.33 -2.08
C PHE A 851 34.50 5.74 -3.45
N VAL A 852 33.36 5.05 -3.60
CA VAL A 852 32.97 4.53 -4.91
C VAL A 852 32.84 5.67 -5.90
N MET A 853 32.35 6.83 -5.45
CA MET A 853 32.23 8.00 -6.30
C MET A 853 33.57 8.71 -6.51
N GLY A 854 34.67 8.17 -5.98
CA GLY A 854 35.97 8.79 -6.15
C GLY A 854 36.23 9.96 -5.23
N THR A 855 35.48 10.08 -4.14
CA THR A 855 35.58 11.20 -3.22
C THR A 855 35.96 10.70 -1.84
N SER A 856 36.81 11.45 -1.13
CA SER A 856 37.23 11.06 0.21
C SER A 856 37.56 12.34 1.00
N GLY A 857 36.57 12.85 1.73
CA GLY A 857 36.77 13.97 2.63
C GLY A 857 37.14 15.27 1.98
N LYS A 858 36.15 16.11 1.70
CA LYS A 858 36.35 17.45 1.13
C LYS A 858 37.17 17.39 -0.16
N LYS A 859 36.60 16.72 -1.15
CA LYS A 859 37.26 16.54 -2.44
C LYS A 859 36.19 16.18 -3.47
N THR A 860 35.75 17.17 -4.25
CA THR A 860 34.66 16.98 -5.19
C THR A 860 35.17 16.26 -6.44
N SER A 861 34.58 15.11 -6.73
CA SER A 861 34.93 14.30 -7.89
C SER A 861 33.84 14.39 -8.95
N PRO A 862 34.14 14.00 -10.20
CA PRO A 862 33.08 14.03 -11.23
C PRO A 862 31.86 13.19 -10.88
N HIS A 863 32.06 11.99 -10.34
CA HIS A 863 30.92 11.18 -9.93
C HIS A 863 30.15 11.81 -8.78
N PHE A 864 30.85 12.50 -7.88
CA PHE A 864 30.16 13.14 -6.76
C PHE A 864 29.40 14.38 -7.21
N GLN A 865 29.96 15.15 -8.16
CA GLN A 865 29.21 16.25 -8.75
C GLN A 865 27.97 15.75 -9.46
N LYS A 866 28.09 14.62 -10.17
CA LYS A 866 26.92 14.01 -10.80
C LYS A 866 25.91 13.58 -9.75
N PHE A 867 26.39 12.99 -8.65
CA PHE A 867 25.49 12.61 -7.55
C PHE A 867 24.77 13.83 -6.99
N GLN A 868 25.48 14.95 -6.83
CA GLN A 868 24.85 16.16 -6.31
C GLN A 868 23.79 16.68 -7.27
N ASP A 869 24.10 16.70 -8.57
CA ASP A 869 23.14 17.22 -9.54
C ASP A 869 21.92 16.31 -9.66
N ILE A 870 22.13 15.00 -9.60
CA ILE A 870 21.00 14.06 -9.66
C ILE A 870 20.10 14.22 -8.45
N CYS A 871 20.70 14.37 -7.25
CA CYS A 871 19.91 14.54 -6.04
C CYS A 871 19.02 15.79 -6.13
N VAL A 872 19.60 16.92 -6.55
CA VAL A 872 18.85 18.17 -6.60
C VAL A 872 17.70 18.05 -7.59
N LYS A 873 17.97 17.51 -8.78
CA LYS A 873 16.91 17.39 -9.79
C LYS A 873 15.80 16.45 -9.34
N ALA A 874 16.17 15.30 -8.75
CA ALA A 874 15.16 14.39 -8.24
C ALA A 874 14.40 15.01 -7.07
N TYR A 875 15.08 15.81 -6.24
CA TYR A 875 14.44 16.46 -5.11
C TYR A 875 13.44 17.50 -5.58
N LEU A 876 13.86 18.38 -6.49
CA LEU A 876 12.95 19.39 -7.02
C LEU A 876 11.76 18.77 -7.75
N ALA A 877 11.99 17.63 -8.43
CA ALA A 877 10.90 16.98 -9.13
C ALA A 877 9.82 16.50 -8.18
N LEU A 878 10.21 15.98 -7.01
CA LEU A 878 9.22 15.53 -6.04
C LEU A 878 8.44 16.69 -5.45
N ARG A 879 9.09 17.86 -5.28
CA ARG A 879 8.42 19.00 -4.70
C ARG A 879 7.27 19.51 -5.58
N HIS A 880 7.29 19.22 -6.88
CA HIS A 880 6.16 19.56 -7.73
C HIS A 880 4.95 18.68 -7.44
N HIS A 881 5.11 17.63 -6.65
CA HIS A 881 4.02 16.77 -6.22
C HIS A 881 3.95 16.73 -4.69
N THR A 882 4.13 17.91 -4.08
CA THR A 882 4.18 18.00 -2.63
C THR A 882 2.87 17.53 -1.99
N ASN A 883 1.74 17.98 -2.52
CA ASN A 883 0.45 17.62 -1.93
C ASN A 883 0.19 16.12 -2.06
N LEU A 884 0.60 15.51 -3.17
CA LEU A 884 0.44 14.07 -3.34
C LEU A 884 1.27 13.32 -2.30
N LEU A 885 2.55 13.68 -2.16
CA LEU A 885 3.42 12.98 -1.21
C LEU A 885 2.94 13.18 0.22
N ILE A 886 2.40 14.37 0.52
CA ILE A 886 1.90 14.64 1.86
C ILE A 886 0.70 13.76 2.18
N ILE A 887 -0.20 13.58 1.21
CA ILE A 887 -1.40 12.80 1.46
C ILE A 887 -1.07 11.31 1.55
N LEU A 888 -0.09 10.85 0.76
CA LEU A 888 0.34 9.46 0.89
C LEU A 888 1.05 9.22 2.21
N PHE A 889 1.84 10.20 2.66
CA PHE A 889 2.57 10.08 3.91
C PHE A 889 1.63 10.01 5.09
N SER A 890 0.66 10.93 5.17
CA SER A 890 -0.28 10.93 6.29
C SER A 890 -1.12 9.67 6.32
N MET A 891 -1.62 9.24 5.15
CA MET A 891 -2.41 8.01 5.09
C MET A 891 -1.59 6.81 5.54
N MET A 892 -0.31 6.75 5.16
CA MET A 892 0.53 5.64 5.57
C MET A 892 0.64 5.55 7.09
N LEU A 893 0.86 6.69 7.75
CA LEU A 893 0.95 6.68 9.21
C LEU A 893 -0.37 6.26 9.83
N MET A 894 -1.49 6.67 9.23
CA MET A 894 -2.79 6.39 9.84
C MET A 894 -3.21 4.95 9.67
N THR A 895 -2.81 4.30 8.57
CA THR A 895 -3.26 2.95 8.28
C THR A 895 -2.21 1.88 8.50
N GLY A 896 -0.95 2.25 8.74
CA GLY A 896 0.10 1.26 8.85
C GLY A 896 0.95 1.31 10.11
N MET A 897 0.86 2.38 10.87
CA MET A 897 1.71 2.58 12.04
C MET A 897 0.93 2.33 13.33
N PRO A 898 1.62 2.10 14.46
CA PRO A 898 0.91 1.80 15.72
C PRO A 898 -0.12 2.86 16.08
N GLN A 899 0.39 4.05 16.36
CA GLN A 899 -0.39 5.22 16.67
C GLN A 899 0.39 6.36 16.02
N LEU A 900 -0.38 7.33 15.52
CA LEU A 900 0.13 8.51 14.80
C LEU A 900 -0.15 9.84 15.42
N THR A 901 0.88 10.59 15.72
CA THR A 901 0.51 11.91 16.19
C THR A 901 -0.10 12.57 14.98
N SER A 902 -1.27 13.20 15.14
CA SER A 902 -1.92 13.79 13.99
C SER A 902 -1.18 15.01 13.49
N LYS A 903 -0.89 15.92 14.41
CA LYS A 903 -0.28 17.19 14.10
C LYS A 903 1.22 17.34 14.20
N GLU A 904 2.01 16.29 14.31
CA GLU A 904 3.46 16.52 14.40
C GLU A 904 4.24 15.48 13.62
N ASP A 905 4.00 14.25 13.95
CA ASP A 905 4.58 13.18 13.13
C ASP A 905 4.35 13.44 11.65
N ILE A 906 3.13 13.85 11.28
CA ILE A 906 2.84 14.19 9.90
C ILE A 906 3.55 15.47 9.48
N GLU A 907 3.95 16.30 10.45
CA GLU A 907 4.56 17.58 10.14
C GLU A 907 5.99 17.47 9.64
N TYR A 908 6.65 16.32 9.83
CA TYR A 908 8.03 16.18 9.38
C TYR A 908 8.16 16.41 7.89
N ILE A 909 7.32 15.75 7.10
CA ILE A 909 7.46 15.79 5.64
C ILE A 909 7.24 17.20 5.11
N ARG A 910 6.65 18.09 5.90
CA ARG A 910 6.51 19.48 5.49
C ARG A 910 7.87 20.16 5.43
N ASP A 911 8.69 19.97 6.46
CA ASP A 911 10.03 20.55 6.46
C ASP A 911 10.94 19.83 5.48
N ALA A 912 10.80 18.51 5.36
CA ALA A 912 11.64 17.75 4.44
C ALA A 912 11.39 18.16 3.00
N LEU A 913 10.14 18.43 2.64
CA LEU A 913 9.80 18.93 1.32
C LEU A 913 9.93 20.44 1.21
N THR A 914 10.57 21.07 2.21
CA THR A 914 10.76 22.52 2.34
C THR A 914 9.60 23.31 1.74
N VAL A 915 8.40 23.08 2.27
CA VAL A 915 7.21 23.73 1.73
C VAL A 915 7.31 25.25 1.92
N GLY A 916 6.93 25.99 0.88
CA GLY A 916 6.92 27.43 0.92
C GLY A 916 8.16 28.11 0.39
N LYS A 917 9.24 27.37 0.16
CA LYS A 917 10.48 27.95 -0.32
C LYS A 917 10.62 27.76 -1.83
N ASN A 918 11.35 28.68 -2.45
CA ASN A 918 11.59 28.57 -3.89
C ASN A 918 12.63 27.49 -4.18
N GLU A 919 12.84 27.23 -5.47
CA GLU A 919 13.72 26.13 -5.86
C GLU A 919 15.18 26.41 -5.47
N GLU A 920 15.57 27.68 -5.38
CA GLU A 920 16.95 27.99 -5.00
C GLU A 920 17.21 27.64 -3.54
N ASP A 921 16.32 28.07 -2.64
CA ASP A 921 16.47 27.69 -1.23
C ASP A 921 16.27 26.19 -1.03
N ALA A 922 15.40 25.57 -1.83
CA ALA A 922 15.22 24.12 -1.75
C ALA A 922 16.48 23.39 -2.19
N LYS A 923 17.11 23.87 -3.27
CA LYS A 923 18.34 23.24 -3.75
C LYS A 923 19.46 23.33 -2.73
N LYS A 924 19.66 24.52 -2.14
CA LYS A 924 20.68 24.66 -1.11
C LYS A 924 20.35 23.80 0.11
N TYR A 925 19.06 23.68 0.43
CA TYR A 925 18.66 22.89 1.60
C TYR A 925 19.12 21.44 1.48
N PHE A 926 18.91 20.83 0.32
CA PHE A 926 19.31 19.44 0.16
C PHE A 926 20.82 19.29 0.07
N LEU A 927 21.49 20.26 -0.57
CA LEU A 927 22.95 20.20 -0.62
C LEU A 927 23.57 20.29 0.77
N ASP A 928 22.92 21.02 1.69
CA ASP A 928 23.40 21.04 3.07
C ASP A 928 23.17 19.69 3.75
N GLN A 929 22.09 18.99 3.41
CA GLN A 929 21.87 17.66 3.96
C GLN A 929 22.96 16.70 3.52
N ILE A 930 23.40 16.82 2.27
CA ILE A 930 24.54 16.03 1.79
C ILE A 930 25.79 16.37 2.61
N GLU A 931 25.92 17.63 3.03
CA GLU A 931 27.09 18.03 3.80
C GLU A 931 27.05 17.51 5.23
N VAL A 932 25.86 17.34 5.80
CA VAL A 932 25.76 16.78 7.15
C VAL A 932 26.27 15.34 7.15
N CYS A 933 25.93 14.57 6.11
CA CYS A 933 26.42 13.20 6.01
C CYS A 933 27.95 13.16 5.88
N ARG A 934 28.52 14.11 5.15
CA ARG A 934 29.97 14.15 5.00
C ARG A 934 30.64 14.53 6.32
N ASP A 935 30.00 15.40 7.10
CA ASP A 935 30.58 15.79 8.38
C ASP A 935 30.46 14.68 9.42
N LYS A 936 29.43 13.84 9.32
CA LYS A 936 29.20 12.81 10.32
C LYS A 936 30.07 11.58 10.09
N GLY A 937 30.46 11.31 8.85
CA GLY A 937 31.35 10.19 8.57
C GLY A 937 30.74 8.87 8.97
N TRP A 938 31.49 8.09 9.74
CA TRP A 938 31.05 6.79 10.23
C TRP A 938 30.33 6.86 11.57
N THR A 939 30.18 8.05 12.15
CA THR A 939 29.73 8.18 13.53
C THR A 939 28.37 7.52 13.74
N VAL A 940 27.40 7.85 12.89
CA VAL A 940 26.03 7.38 13.11
C VAL A 940 25.93 5.88 12.87
N GLN A 941 26.67 5.37 11.88
CA GLN A 941 26.68 3.93 11.66
C GLN A 941 27.26 3.19 12.86
N PHE A 942 28.32 3.74 13.46
CA PHE A 942 28.88 3.11 14.65
C PHE A 942 27.88 3.08 15.79
N ASN A 943 27.18 4.19 16.04
CA ASN A 943 26.17 4.22 17.08
C ASN A 943 25.04 3.24 16.81
N TRP A 944 24.70 3.03 15.53
CA TRP A 944 23.71 2.01 15.19
C TRP A 944 24.23 0.62 15.50
N PHE A 945 25.49 0.34 15.14
CA PHE A 945 26.09 -0.95 15.47
C PHE A 945 26.10 -1.18 16.98
N LEU A 946 26.50 -0.16 17.75
CA LEU A 946 26.47 -0.26 19.21
C LEU A 946 25.06 -0.54 19.70
N HIS A 947 24.06 0.13 19.12
CA HIS A 947 22.68 -0.10 19.51
C HIS A 947 22.28 -1.55 19.31
N LEU A 948 22.93 -2.24 18.37
CA LEU A 948 22.66 -3.64 18.09
C LEU A 948 23.83 -4.54 18.50
N VAL A 949 24.46 -4.23 19.63
CA VAL A 949 25.32 -5.18 20.32
C VAL A 949 24.69 -5.49 21.68
C7 BWY B . 13.07 -7.35 5.64
N8 BWY B . 13.87 -8.08 6.39
C9 BWY B . 15.17 -8.54 2.99
C2 BWY B . 15.90 -9.55 5.99
C10 BWY B . 14.69 -8.09 1.80
C1 BWY B . 15.70 -9.82 7.48
C12 BWY B . 16.50 -9.30 1.43
C14 BWY B . 17.66 -10.00 0.79
C15 BWY B . 18.72 -10.40 1.59
C16 BWY B . 19.80 -11.07 1.04
C17 BWY B . 19.84 -11.33 -0.32
C18 BWY B . 18.80 -10.94 -1.13
C19 BWY B . 17.70 -10.29 -0.60
C21 BWY B . 16.46 -8.52 -1.48
C22 BWY B . 15.27 -8.23 -0.59
C25 BWY B . 21.29 -13.37 1.80
C26 BWY B . 22.16 -13.67 0.58
C27 BWY B . 22.15 -15.18 0.34
C29 BWY B . 22.02 -15.55 2.75
C3 BWY B . 17.26 -8.87 5.80
C30 BWY B . 21.98 -14.04 2.99
C31 BWY B . 22.79 -17.35 1.28
C32 BWY B . 21.58 -18.08 1.89
C33 BWY B . 22.84 -17.69 -0.22
C34 BWY B . 24.07 -17.88 1.94
C5 BWY B . 14.51 -8.24 4.28
N11 BWY B . 15.50 -8.53 0.82
N13 BWY B . 16.27 -9.27 2.72
N28 BWY B . 22.71 -15.89 1.50
N4 BWY B . 14.82 -8.66 5.54
N6 BWY B . 13.46 -7.46 4.38
O20 BWY B . 16.69 -9.92 -1.39
O24 BWY B . 20.66 -11.32 3.38
S23 BWY B . 21.15 -11.57 2.07
#